data_5LDQ
#
_entry.id   5LDQ
#
_cell.length_a   86.740
_cell.length_b   91.620
_cell.length_c   120.610
_cell.angle_alpha   90.00
_cell.angle_beta   102.31
_cell.angle_gamma   90.00
#
_symmetry.space_group_name_H-M   'C 1 2 1'
#
loop_
_entity.id
_entity.type
_entity.pdbx_description
1 polymer "RNA 2',3'-cyclic phosphodiesterase"
2 non-polymer 'NADP NICOTINAMIDE-ADENINE-DINUCLEOTIDE PHOSPHATE'
3 non-polymer 'CHLORIDE ION'
4 non-polymer 'PENTAETHYLENE GLYCOL'
5 non-polymer 'PHOSPHATE ION'
6 water water
#
_entity_poly.entity_id   1
_entity_poly.type   'polypeptide(L)'
_entity_poly.pdbx_seq_one_letter_code
;GMSEPQRLFFAIDLPAEIREQIIHWRAKHFPPEAGRPVAADNLHLTLAFLGEVSAEKEKALSLLAGRIRQPGFTLTLDDA
GQWLRSRVVWLGMRQPPRGLIQLANMLRSQAARSGCFQSNRPFHPHITLLRDASEAVTIPPPGFNWSYAVTEFTLYASSF
ARGRTRYTPLKRWALTQ
;
_entity_poly.pdbx_strand_id   A,B,C,D
#
# COMPACT_ATOMS: atom_id res chain seq x y z
N SER A 3 -9.09 -29.95 -21.77
CA SER A 3 -8.20 -30.70 -20.89
C SER A 3 -8.76 -30.76 -19.47
N GLU A 4 -7.92 -30.44 -18.48
CA GLU A 4 -8.33 -30.48 -17.09
C GLU A 4 -8.99 -29.17 -16.65
N PRO A 5 -9.86 -29.24 -15.61
CA PRO A 5 -10.56 -28.04 -15.14
C PRO A 5 -9.59 -26.96 -14.68
N GLN A 6 -10.06 -25.72 -14.73
CA GLN A 6 -9.29 -24.58 -14.30
C GLN A 6 -10.15 -23.70 -13.41
N ARG A 7 -9.47 -22.88 -12.61
CA ARG A 7 -10.12 -21.93 -11.72
C ARG A 7 -10.16 -20.61 -12.47
N LEU A 8 -11.38 -20.17 -12.79
CA LEU A 8 -11.57 -19.08 -13.76
C LEU A 8 -12.26 -17.87 -13.17
N PHE A 9 -11.97 -16.69 -13.72
CA PHE A 9 -12.74 -15.51 -13.39
C PHE A 9 -12.64 -14.54 -14.55
N PHE A 10 -13.67 -13.71 -14.71
CA PHE A 10 -13.63 -12.65 -15.72
C PHE A 10 -13.17 -11.37 -15.03
N ALA A 11 -12.40 -10.56 -15.74
CA ALA A 11 -11.94 -9.31 -15.12
C ALA A 11 -11.61 -8.25 -16.12
N ILE A 12 -11.43 -7.05 -15.57
N ILE A 12 -11.41 -7.05 -15.59
CA ILE A 12 -10.94 -5.87 -16.30
CA ILE A 12 -10.93 -5.91 -16.37
C ILE A 12 -9.49 -5.61 -15.88
C ILE A 12 -9.52 -5.58 -15.90
N ASP A 13 -8.62 -5.36 -16.84
CA ASP A 13 -7.21 -5.08 -16.54
C ASP A 13 -6.95 -3.58 -16.53
N LEU A 14 -5.74 -3.22 -16.11
CA LEU A 14 -5.36 -1.81 -15.99
C LEU A 14 -4.20 -1.55 -16.93
N PRO A 15 -4.16 -0.38 -17.56
CA PRO A 15 -3.04 -0.01 -18.43
C PRO A 15 -1.74 -0.05 -17.62
N ALA A 16 -0.63 -0.42 -18.26
CA ALA A 16 0.64 -0.63 -17.58
C ALA A 16 1.11 0.59 -16.81
N GLU A 17 0.91 1.78 -17.38
N GLU A 17 0.90 1.78 -17.37
CA GLU A 17 1.34 3.01 -16.72
CA GLU A 17 1.36 2.98 -16.70
C GLU A 17 0.59 3.23 -15.40
C GLU A 17 0.54 3.28 -15.43
N ILE A 18 -0.71 2.99 -15.41
N ILE A 18 -0.74 2.94 -15.44
CA ILE A 18 -1.52 3.15 -14.20
CA ILE A 18 -1.57 3.09 -14.24
C ILE A 18 -1.13 2.09 -13.15
C ILE A 18 -1.11 2.10 -13.18
N ARG A 19 -0.81 0.89 -13.62
CA ARG A 19 -0.35 -0.17 -12.72
C ARG A 19 0.93 0.28 -12.04
N GLU A 20 1.84 0.87 -12.81
CA GLU A 20 3.09 1.41 -12.27
C GLU A 20 2.83 2.50 -11.23
N GLN A 21 1.89 3.39 -11.52
CA GLN A 21 1.55 4.45 -10.57
C GLN A 21 0.98 3.88 -9.29
N ILE A 22 0.11 2.90 -9.43
CA ILE A 22 -0.51 2.27 -8.26
C ILE A 22 0.52 1.63 -7.35
N ILE A 23 1.46 0.88 -7.94
CA ILE A 23 2.42 0.19 -7.09
C ILE A 23 3.42 1.16 -6.44
N HIS A 24 3.70 2.28 -7.11
N HIS A 24 3.69 2.28 -7.10
CA HIS A 24 4.53 3.31 -6.51
CA HIS A 24 4.53 3.30 -6.51
C HIS A 24 3.79 3.92 -5.34
C HIS A 24 3.80 3.95 -5.33
N TRP A 25 2.52 4.21 -5.53
CA TRP A 25 1.68 4.81 -4.49
C TRP A 25 1.55 3.86 -3.30
N ARG A 26 1.37 2.58 -3.60
CA ARG A 26 1.20 1.59 -2.56
C ARG A 26 2.47 1.45 -1.72
N ALA A 27 3.62 1.37 -2.38
CA ALA A 27 4.89 1.26 -1.68
C ALA A 27 5.16 2.49 -0.82
N LYS A 28 4.69 3.65 -1.28
CA LYS A 28 4.89 4.88 -0.54
C LYS A 28 4.07 4.93 0.74
N HIS A 29 2.88 4.33 0.70
CA HIS A 29 1.89 4.54 1.75
C HIS A 29 1.69 3.36 2.69
N PHE A 30 2.16 2.19 2.27
CA PHE A 30 1.93 0.99 3.07
C PHE A 30 3.23 0.23 3.25
N PRO A 31 3.65 0.03 4.50
CA PRO A 31 4.84 -0.79 4.73
C PRO A 31 4.53 -2.25 4.43
N PRO A 32 5.57 -3.08 4.30
CA PRO A 32 5.36 -4.51 4.01
C PRO A 32 4.43 -5.16 5.03
N GLU A 33 4.48 -4.68 6.27
CA GLU A 33 3.69 -5.24 7.37
C GLU A 33 2.20 -4.98 7.23
N ALA A 34 1.83 -4.03 6.37
CA ALA A 34 0.42 -3.68 6.16
C ALA A 34 -0.36 -4.81 5.53
N GLY A 35 0.32 -5.61 4.72
CA GLY A 35 -0.32 -6.73 4.02
C GLY A 35 0.56 -7.21 2.88
N ARG A 36 0.16 -8.33 2.27
N ARG A 36 0.14 -8.30 2.25
CA ARG A 36 0.94 -8.87 1.15
CA ARG A 36 0.89 -8.88 1.14
C ARG A 36 0.52 -8.21 -0.15
C ARG A 36 0.50 -8.21 -0.17
N PRO A 37 1.49 -7.62 -0.85
CA PRO A 37 1.24 -6.84 -2.07
C PRO A 37 0.79 -7.71 -3.23
N VAL A 38 -0.23 -7.27 -3.94
CA VAL A 38 -0.62 -7.91 -5.20
C VAL A 38 0.39 -7.50 -6.26
N ALA A 39 0.95 -8.48 -6.98
CA ALA A 39 1.94 -8.18 -8.03
C ALA A 39 1.34 -7.22 -9.05
N ALA A 40 2.17 -6.33 -9.60
CA ALA A 40 1.69 -5.34 -10.55
C ALA A 40 0.85 -6.00 -11.64
N ASP A 41 1.38 -7.06 -12.23
CA ASP A 41 0.72 -7.72 -13.35
C ASP A 41 -0.60 -8.41 -12.99
N ASN A 42 -0.81 -8.62 -11.69
CA ASN A 42 -2.04 -9.27 -11.21
C ASN A 42 -3.12 -8.28 -10.76
N LEU A 43 -2.81 -6.99 -10.79
CA LEU A 43 -3.81 -5.98 -10.46
C LEU A 43 -4.93 -6.06 -11.47
N HIS A 44 -6.16 -6.16 -10.98
CA HIS A 44 -7.31 -6.26 -11.87
C HIS A 44 -8.58 -5.98 -11.09
N LEU A 45 -9.67 -5.79 -11.83
CA LEU A 45 -11.00 -5.61 -11.24
C LEU A 45 -11.86 -6.81 -11.64
N THR A 46 -12.20 -7.66 -10.67
CA THR A 46 -12.97 -8.84 -11.02
C THR A 46 -14.40 -8.48 -11.42
N LEU A 47 -14.88 -9.13 -12.49
CA LEU A 47 -16.27 -8.99 -12.92
C LEU A 47 -17.12 -10.14 -12.37
N ALA A 48 -16.66 -11.38 -12.59
CA ALA A 48 -17.40 -12.55 -12.10
C ALA A 48 -16.42 -13.66 -11.79
N PHE A 49 -16.58 -14.28 -10.64
CA PHE A 49 -15.70 -15.38 -10.26
C PHE A 49 -16.44 -16.69 -10.51
N LEU A 50 -15.78 -17.63 -11.19
CA LEU A 50 -16.42 -18.86 -11.62
C LEU A 50 -16.04 -20.05 -10.76
N GLY A 51 -14.86 -19.99 -10.14
CA GLY A 51 -14.37 -21.14 -9.41
C GLY A 51 -13.90 -22.21 -10.39
N GLU A 52 -13.87 -23.46 -9.94
CA GLU A 52 -13.41 -24.54 -10.80
C GLU A 52 -14.42 -24.89 -11.89
N VAL A 53 -13.94 -24.97 -13.13
CA VAL A 53 -14.80 -25.09 -14.30
C VAL A 53 -14.15 -26.06 -15.28
N SER A 54 -14.90 -27.09 -15.70
CA SER A 54 -14.43 -28.05 -16.68
C SER A 54 -14.21 -27.37 -18.02
N ALA A 55 -13.56 -28.07 -18.96
CA ALA A 55 -13.32 -27.48 -20.28
C ALA A 55 -14.62 -27.25 -21.04
N GLU A 56 -15.53 -28.20 -20.93
CA GLU A 56 -16.86 -28.10 -21.53
C GLU A 56 -17.61 -26.86 -21.01
N LYS A 57 -17.64 -26.68 -19.70
CA LYS A 57 -18.34 -25.54 -19.13
C LYS A 57 -17.66 -24.24 -19.52
N GLU A 58 -16.32 -24.24 -19.58
CA GLU A 58 -15.60 -23.04 -19.99
C GLU A 58 -15.97 -22.64 -21.41
N LYS A 59 -16.16 -23.62 -22.27
CA LYS A 59 -16.56 -23.34 -23.64
C LYS A 59 -17.95 -22.71 -23.65
N ALA A 60 -18.86 -23.27 -22.84
CA ALA A 60 -20.24 -22.79 -22.76
C ALA A 60 -20.31 -21.34 -22.25
N LEU A 61 -19.59 -21.06 -21.18
CA LEU A 61 -19.58 -19.71 -20.61
C LEU A 61 -18.89 -18.73 -21.55
N SER A 62 -17.90 -19.21 -22.29
CA SER A 62 -17.18 -18.33 -23.23
C SER A 62 -18.07 -17.93 -24.39
N LEU A 63 -18.92 -18.85 -24.85
CA LEU A 63 -19.91 -18.54 -25.87
C LEU A 63 -20.92 -17.51 -25.38
N LEU A 64 -21.36 -17.65 -24.13
CA LEU A 64 -22.27 -16.67 -23.53
C LEU A 64 -21.60 -15.31 -23.44
N ALA A 65 -20.34 -15.28 -23.01
CA ALA A 65 -19.65 -13.99 -22.84
C ALA A 65 -19.51 -13.35 -24.20
N GLY A 66 -19.33 -14.17 -25.23
CA GLY A 66 -19.12 -13.67 -26.57
C GLY A 66 -20.35 -13.04 -27.19
N ARG A 67 -21.50 -13.20 -26.54
N ARG A 67 -21.50 -13.19 -26.55
CA ARG A 67 -22.73 -12.61 -27.06
CA ARG A 67 -22.71 -12.60 -27.08
C ARG A 67 -23.09 -11.30 -26.36
C ARG A 67 -23.10 -11.33 -26.35
N ILE A 68 -22.29 -10.94 -25.36
CA ILE A 68 -22.47 -9.68 -24.66
C ILE A 68 -22.13 -8.55 -25.63
N ARG A 69 -23.01 -7.54 -25.70
CA ARG A 69 -22.77 -6.33 -26.50
C ARG A 69 -22.88 -5.13 -25.58
N GLN A 70 -21.75 -4.65 -25.10
CA GLN A 70 -21.73 -3.61 -24.08
C GLN A 70 -20.79 -2.51 -24.55
N PRO A 71 -21.23 -1.24 -24.61
CA PRO A 71 -20.25 -0.21 -24.98
C PRO A 71 -19.13 -0.06 -23.95
N GLY A 72 -18.00 0.46 -24.40
CA GLY A 72 -16.89 0.73 -23.51
C GLY A 72 -17.26 1.81 -22.52
N PHE A 73 -16.48 1.95 -21.46
CA PHE A 73 -16.74 3.00 -20.48
C PHE A 73 -15.43 3.36 -19.87
N THR A 74 -15.41 4.44 -19.08
CA THR A 74 -14.17 4.94 -18.51
C THR A 74 -14.18 4.69 -17.00
N LEU A 75 -13.07 4.22 -16.46
CA LEU A 75 -12.94 4.07 -15.01
C LEU A 75 -12.00 5.14 -14.49
N THR A 76 -12.42 5.82 -13.41
CA THR A 76 -11.57 6.80 -12.76
C THR A 76 -11.48 6.40 -11.30
N LEU A 77 -10.29 5.98 -10.88
CA LEU A 77 -10.15 5.38 -9.56
C LEU A 77 -9.95 6.50 -8.55
N ASP A 78 -11.05 6.94 -7.95
CA ASP A 78 -11.02 8.09 -7.05
C ASP A 78 -11.16 7.70 -5.57
N ASP A 79 -11.17 6.40 -5.29
CA ASP A 79 -11.53 5.88 -3.99
C ASP A 79 -10.56 4.78 -3.56
N ALA A 80 -10.27 4.71 -2.27
CA ALA A 80 -9.53 3.59 -1.69
C ALA A 80 -10.09 3.26 -0.34
N GLY A 81 -9.93 2.02 0.10
CA GLY A 81 -10.47 1.67 1.40
C GLY A 81 -9.92 0.35 1.85
N GLN A 82 -10.39 -0.06 3.02
CA GLN A 82 -10.00 -1.35 3.57
C GLN A 82 -11.23 -2.11 4.02
N TRP A 83 -11.31 -3.40 3.68
CA TRP A 83 -12.35 -4.27 4.21
C TRP A 83 -11.74 -5.25 5.20
N LEU A 84 -11.96 -5.04 6.50
CA LEU A 84 -11.32 -5.89 7.50
C LEU A 84 -11.87 -7.32 7.47
N ARG A 85 -13.13 -7.49 7.07
CA ARG A 85 -13.72 -8.84 7.02
C ARG A 85 -13.08 -9.69 5.94
N SER A 86 -12.56 -9.06 4.90
CA SER A 86 -11.91 -9.77 3.81
C SER A 86 -10.40 -9.62 3.92
N ARG A 87 -9.97 -8.77 4.85
CA ARG A 87 -8.56 -8.43 5.04
C ARG A 87 -7.92 -7.97 3.74
N VAL A 88 -8.59 -7.07 3.04
CA VAL A 88 -8.00 -6.46 1.84
C VAL A 88 -7.99 -4.95 1.91
N VAL A 89 -7.06 -4.35 1.18
CA VAL A 89 -7.04 -2.92 0.95
C VAL A 89 -7.29 -2.81 -0.54
N TRP A 90 -8.18 -1.91 -0.95
CA TRP A 90 -8.62 -1.90 -2.35
C TRP A 90 -8.66 -0.51 -2.92
N LEU A 91 -8.64 -0.43 -4.24
N LEU A 91 -8.69 -0.45 -4.24
CA LEU A 91 -8.92 0.81 -4.96
CA LEU A 91 -8.88 0.77 -5.01
C LEU A 91 -10.28 0.64 -5.62
C LEU A 91 -10.26 0.65 -5.67
N GLY A 92 -10.98 1.77 -5.80
CA GLY A 92 -12.30 1.73 -6.41
C GLY A 92 -12.77 3.02 -7.03
N MET A 93 -14.05 3.06 -7.40
N MET A 93 -14.04 3.04 -7.40
CA MET A 93 -14.67 4.27 -7.97
CA MET A 93 -14.68 4.25 -7.85
C MET A 93 -15.92 4.58 -7.16
C MET A 93 -15.85 4.55 -6.96
N ARG A 94 -16.06 5.81 -6.68
CA ARG A 94 -17.16 6.19 -5.80
C ARG A 94 -18.48 5.97 -6.51
N GLN A 95 -18.50 6.24 -7.81
CA GLN A 95 -19.71 6.18 -8.62
C GLN A 95 -19.36 5.49 -9.92
N PRO A 96 -19.27 4.15 -9.88
CA PRO A 96 -18.87 3.39 -11.07
C PRO A 96 -19.81 3.65 -12.23
N PRO A 97 -19.28 3.60 -13.46
CA PRO A 97 -20.20 3.80 -14.59
C PRO A 97 -21.19 2.66 -14.69
N ARG A 98 -22.37 2.98 -15.17
CA ARG A 98 -23.45 2.02 -15.28
C ARG A 98 -23.02 0.81 -16.11
N GLY A 99 -22.23 1.04 -17.15
CA GLY A 99 -21.80 -0.06 -18.01
C GLY A 99 -20.96 -1.11 -17.29
N LEU A 100 -20.21 -0.70 -16.27
CA LEU A 100 -19.40 -1.65 -15.52
C LEU A 100 -20.31 -2.57 -14.74
N ILE A 101 -21.27 -1.97 -14.05
CA ILE A 101 -22.27 -2.75 -13.28
C ILE A 101 -23.04 -3.70 -14.22
N GLN A 102 -23.47 -3.18 -15.36
CA GLN A 102 -24.24 -3.97 -16.32
C GLN A 102 -23.42 -5.16 -16.80
N LEU A 103 -22.16 -4.92 -17.14
CA LEU A 103 -21.29 -5.98 -17.64
C LEU A 103 -21.09 -7.06 -16.57
N ALA A 104 -20.76 -6.65 -15.35
CA ALA A 104 -20.55 -7.60 -14.25
C ALA A 104 -21.81 -8.38 -13.98
N ASN A 105 -22.96 -7.70 -13.98
CA ASN A 105 -24.22 -8.38 -13.69
C ASN A 105 -24.55 -9.45 -14.73
N MET A 106 -24.27 -9.16 -15.99
CA MET A 106 -24.49 -10.17 -17.03
C MET A 106 -23.60 -11.40 -16.82
N LEU A 107 -22.32 -11.18 -16.56
CA LEU A 107 -21.38 -12.30 -16.41
C LEU A 107 -21.71 -13.12 -15.18
N ARG A 108 -22.10 -12.42 -14.10
N ARG A 108 -22.13 -12.43 -14.11
CA ARG A 108 -22.52 -13.13 -12.89
CA ARG A 108 -22.55 -13.11 -12.89
C ARG A 108 -23.79 -13.96 -13.10
C ARG A 108 -23.78 -13.98 -13.12
N SER A 109 -24.75 -13.44 -13.84
CA SER A 109 -25.99 -14.16 -14.13
C SER A 109 -25.70 -15.39 -15.00
N GLN A 110 -24.80 -15.23 -15.97
CA GLN A 110 -24.44 -16.34 -16.85
C GLN A 110 -23.77 -17.45 -16.04
N ALA A 111 -22.90 -17.05 -15.12
CA ALA A 111 -22.19 -17.99 -14.24
C ALA A 111 -23.17 -18.75 -13.35
N ALA A 112 -24.05 -17.99 -12.69
CA ALA A 112 -25.04 -18.57 -11.79
C ALA A 112 -25.94 -19.58 -12.49
N ARG A 113 -26.36 -19.25 -13.72
N ARG A 113 -26.35 -19.26 -13.72
CA ARG A 113 -27.21 -20.16 -14.49
CA ARG A 113 -27.20 -20.15 -14.49
C ARG A 113 -26.48 -21.45 -14.84
C ARG A 113 -26.49 -21.45 -14.85
N SER A 114 -25.16 -21.38 -14.96
CA SER A 114 -24.35 -22.56 -15.27
C SER A 114 -24.04 -23.39 -14.03
N GLY A 115 -24.49 -22.91 -12.87
CA GLY A 115 -24.32 -23.66 -11.63
C GLY A 115 -23.18 -23.17 -10.76
N CYS A 116 -22.42 -22.20 -11.27
CA CYS A 116 -21.34 -21.61 -10.49
C CYS A 116 -21.89 -20.94 -9.25
N PHE A 117 -21.26 -21.21 -8.11
CA PHE A 117 -21.63 -20.54 -6.87
C PHE A 117 -21.42 -19.05 -7.00
N GLN A 118 -22.53 -18.31 -6.97
CA GLN A 118 -22.48 -16.88 -6.76
C GLN A 118 -23.08 -16.60 -5.39
N SER A 119 -22.42 -15.77 -4.61
CA SER A 119 -23.02 -15.29 -3.37
C SER A 119 -24.19 -14.42 -3.79
N ASN A 120 -25.18 -14.26 -2.91
CA ASN A 120 -26.28 -13.36 -3.20
C ASN A 120 -25.83 -11.91 -2.99
N ARG A 121 -24.58 -11.74 -2.59
CA ARG A 121 -23.99 -10.43 -2.31
C ARG A 121 -23.92 -9.52 -3.52
N PRO A 122 -24.26 -8.23 -3.32
CA PRO A 122 -24.26 -7.20 -4.37
C PRO A 122 -22.87 -7.02 -4.94
N PHE A 123 -22.78 -6.65 -6.21
CA PHE A 123 -21.48 -6.45 -6.84
C PHE A 123 -20.79 -5.23 -6.25
N HIS A 124 -19.56 -5.41 -5.78
CA HIS A 124 -18.81 -4.31 -5.20
C HIS A 124 -17.51 -4.13 -5.96
N PRO A 125 -17.52 -3.34 -7.06
CA PRO A 125 -16.32 -3.31 -7.92
C PRO A 125 -15.12 -2.74 -7.19
N HIS A 126 -14.00 -3.44 -7.31
CA HIS A 126 -12.78 -3.03 -6.59
C HIS A 126 -11.55 -3.67 -7.20
N ILE A 127 -10.40 -3.09 -6.89
CA ILE A 127 -9.10 -3.61 -7.29
C ILE A 127 -8.31 -3.86 -6.01
N THR A 128 -8.06 -5.13 -5.69
CA THR A 128 -7.35 -5.44 -4.46
C THR A 128 -5.88 -5.11 -4.59
N LEU A 129 -5.33 -4.41 -3.59
CA LEU A 129 -3.94 -3.98 -3.59
C LEU A 129 -3.12 -4.79 -2.61
N LEU A 130 -3.73 -5.14 -1.47
CA LEU A 130 -3.05 -5.83 -0.39
C LEU A 130 -3.98 -6.90 0.10
N ARG A 131 -3.43 -8.09 0.32
CA ARG A 131 -4.17 -9.17 0.94
C ARG A 131 -3.60 -9.43 2.33
N ASP A 132 -4.31 -10.24 3.13
N ASP A 132 -4.34 -10.18 3.15
CA ASP A 132 -3.94 -10.49 4.53
CA ASP A 132 -3.91 -10.49 4.51
C ASP A 132 -3.63 -9.19 5.28
C ASP A 132 -3.64 -9.21 5.30
N ALA A 133 -4.40 -8.17 4.98
CA ALA A 133 -4.29 -6.90 5.69
C ALA A 133 -5.21 -6.99 6.91
N SER A 134 -4.74 -7.67 7.94
CA SER A 134 -5.57 -8.04 9.07
C SER A 134 -5.71 -6.92 10.09
N GLU A 135 -4.92 -5.86 9.91
CA GLU A 135 -4.95 -4.76 10.87
C GLU A 135 -5.40 -3.51 10.16
N ALA A 136 -6.20 -2.70 10.85
CA ALA A 136 -6.63 -1.41 10.30
C ALA A 136 -5.40 -0.56 10.03
N VAL A 137 -5.38 0.06 8.85
CA VAL A 137 -4.32 0.98 8.47
C VAL A 137 -4.95 2.23 7.86
N THR A 138 -4.27 3.36 7.99
CA THR A 138 -4.77 4.61 7.41
C THR A 138 -4.78 4.48 5.89
N ILE A 139 -5.92 4.78 5.27
CA ILE A 139 -6.02 4.67 3.81
C ILE A 139 -6.01 6.07 3.20
N PRO A 140 -4.92 6.42 2.50
CA PRO A 140 -4.88 7.73 1.86
C PRO A 140 -5.76 7.70 0.62
N PRO A 141 -6.09 8.88 0.07
CA PRO A 141 -6.81 8.85 -1.19
C PRO A 141 -5.88 8.29 -2.27
N PRO A 142 -6.45 7.80 -3.37
CA PRO A 142 -5.56 7.33 -4.44
C PRO A 142 -4.79 8.49 -5.06
N GLY A 143 -3.86 8.18 -5.96
CA GLY A 143 -3.13 9.19 -6.70
C GLY A 143 -4.01 9.94 -7.69
N PHE A 144 -3.44 10.99 -8.29
CA PHE A 144 -4.16 11.85 -9.23
C PHE A 144 -4.30 11.24 -10.61
N ASN A 145 -5.52 11.25 -11.14
CA ASN A 145 -5.77 11.03 -12.56
C ASN A 145 -5.58 9.59 -13.00
N TRP A 146 -5.93 8.64 -12.11
CA TRP A 146 -5.90 7.23 -12.49
C TRP A 146 -7.18 6.93 -13.22
N SER A 147 -7.23 7.37 -14.48
CA SER A 147 -8.45 7.33 -15.27
C SER A 147 -8.11 6.73 -16.63
N TYR A 148 -8.93 5.80 -17.07
CA TYR A 148 -8.71 5.21 -18.39
C TYR A 148 -9.95 4.58 -19.01
N ALA A 149 -9.91 4.41 -20.34
CA ALA A 149 -11.02 3.81 -21.09
C ALA A 149 -10.87 2.30 -21.09
N VAL A 150 -11.94 1.61 -20.72
CA VAL A 150 -11.94 0.15 -20.75
C VAL A 150 -12.47 -0.28 -22.11
N THR A 151 -11.69 -1.12 -22.80
CA THR A 151 -12.00 -1.46 -24.18
C THR A 151 -12.35 -2.91 -24.35
N GLU A 152 -12.15 -3.70 -23.30
CA GLU A 152 -12.35 -5.15 -23.42
C GLU A 152 -12.45 -5.75 -22.04
N PHE A 153 -12.85 -7.01 -21.97
CA PHE A 153 -12.77 -7.74 -20.70
C PHE A 153 -12.19 -9.10 -21.01
N THR A 154 -11.66 -9.77 -19.98
CA THR A 154 -10.86 -10.98 -20.18
C THR A 154 -11.26 -12.11 -19.24
N LEU A 155 -11.18 -13.33 -19.75
CA LEU A 155 -11.37 -14.52 -18.90
C LEU A 155 -9.99 -14.97 -18.47
N TYR A 156 -9.78 -15.10 -17.16
CA TYR A 156 -8.48 -15.52 -16.63
C TYR A 156 -8.57 -16.87 -15.99
N ALA A 157 -7.46 -17.62 -16.04
CA ALA A 157 -7.28 -18.82 -15.20
C ALA A 157 -6.40 -18.44 -14.02
N SER A 158 -6.77 -18.95 -12.84
CA SER A 158 -6.04 -18.60 -11.62
C SER A 158 -5.29 -19.82 -11.15
N SER A 159 -4.02 -19.66 -10.83
CA SER A 159 -3.21 -20.78 -10.37
C SER A 159 -2.11 -20.30 -9.43
N PHE A 160 -1.69 -21.20 -8.56
CA PHE A 160 -0.53 -20.97 -7.71
C PHE A 160 0.55 -21.91 -8.19
N ALA A 161 1.63 -21.33 -8.70
CA ALA A 161 2.78 -22.10 -9.16
C ALA A 161 4.01 -21.49 -8.53
N ARG A 162 4.97 -22.34 -8.15
CA ARG A 162 6.17 -21.89 -7.46
C ARG A 162 5.76 -21.16 -6.17
N GLY A 163 6.26 -19.94 -5.97
CA GLY A 163 5.87 -19.19 -4.79
C GLY A 163 4.85 -18.10 -5.10
N ARG A 164 4.27 -18.15 -6.30
CA ARG A 164 3.50 -17.01 -6.81
C ARG A 164 2.09 -17.33 -7.30
N THR A 165 1.20 -16.36 -7.10
CA THR A 165 -0.13 -16.38 -7.70
C THR A 165 0.02 -15.97 -9.16
N ARG A 166 -0.65 -16.70 -10.05
CA ARG A 166 -0.58 -16.41 -11.48
C ARG A 166 -1.98 -16.31 -12.05
N TYR A 167 -2.28 -15.21 -12.72
CA TYR A 167 -3.54 -15.07 -13.43
C TYR A 167 -3.21 -15.09 -14.92
N THR A 168 -3.67 -16.13 -15.63
CA THR A 168 -3.31 -16.30 -17.04
C THR A 168 -4.48 -15.94 -17.95
N PRO A 169 -4.27 -15.00 -18.90
CA PRO A 169 -5.39 -14.66 -19.78
C PRO A 169 -5.69 -15.80 -20.75
N LEU A 170 -6.98 -16.09 -20.94
CA LEU A 170 -7.38 -17.18 -21.82
C LEU A 170 -8.07 -16.66 -23.06
N LYS A 171 -8.97 -15.69 -22.88
N LYS A 171 -8.97 -15.69 -22.88
CA LYS A 171 -9.74 -15.09 -23.96
CA LYS A 171 -9.74 -15.09 -23.95
C LYS A 171 -10.03 -13.64 -23.61
C LYS A 171 -10.03 -13.63 -23.61
N ARG A 172 -10.20 -12.80 -24.64
CA ARG A 172 -10.62 -11.40 -24.45
C ARG A 172 -11.79 -11.08 -25.39
N TRP A 173 -12.62 -10.15 -24.97
CA TRP A 173 -13.75 -9.68 -25.77
C TRP A 173 -13.78 -8.17 -25.74
N ALA A 174 -13.75 -7.56 -26.91
CA ALA A 174 -13.79 -6.09 -26.94
C ALA A 174 -15.16 -5.62 -26.51
N LEU A 175 -15.21 -4.46 -25.87
N LEU A 175 -15.20 -4.43 -25.92
CA LEU A 175 -16.48 -3.78 -25.68
CA LEU A 175 -16.42 -3.91 -25.38
C LEU A 175 -16.64 -2.84 -26.88
C LEU A 175 -17.37 -3.32 -26.39
N THR A 176 -17.88 -2.44 -27.16
N THR A 176 -17.08 -2.12 -26.89
CA THR A 176 -18.11 -1.54 -28.30
CA THR A 176 -18.06 -1.24 -27.59
C THR A 176 -17.66 -0.10 -28.02
C THR A 176 -19.25 -1.92 -28.33
N GLN A 177 -16.79 0.45 -28.87
N GLN A 177 -19.01 -3.12 -28.85
CA GLN A 177 -16.33 1.83 -28.65
CA GLN A 177 -20.00 -4.23 -28.94
C GLN A 177 -16.70 2.75 -29.81
C GLN A 177 -19.47 -5.48 -29.64
N GLU B 4 -4.45 -44.80 -17.90
CA GLU B 4 -4.55 -43.35 -17.72
C GLU B 4 -4.09 -42.98 -16.32
N PRO B 5 -3.39 -41.83 -16.19
CA PRO B 5 -2.93 -41.36 -14.87
C PRO B 5 -4.02 -40.72 -14.03
N GLN B 6 -3.91 -40.81 -12.71
CA GLN B 6 -4.94 -40.32 -11.82
C GLN B 6 -4.43 -39.30 -10.84
N ARG B 7 -5.33 -38.43 -10.41
CA ARG B 7 -5.04 -37.43 -9.40
C ARG B 7 -5.34 -38.05 -8.02
N LEU B 8 -4.30 -38.25 -7.21
CA LEU B 8 -4.42 -39.05 -5.99
C LEU B 8 -4.16 -38.29 -4.70
N PHE B 9 -4.82 -38.71 -3.61
CA PHE B 9 -4.45 -38.23 -2.27
C PHE B 9 -4.82 -39.25 -1.23
N PHE B 10 -4.16 -39.18 -0.08
CA PHE B 10 -4.53 -40.03 1.07
C PHE B 10 -5.39 -39.22 2.03
N ALA B 11 -6.31 -39.88 2.73
CA ALA B 11 -7.20 -39.15 3.64
C ALA B 11 -7.69 -40.02 4.76
N ILE B 12 -8.19 -39.34 5.79
CA ILE B 12 -8.95 -39.95 6.89
C ILE B 12 -10.42 -39.62 6.64
N ASP B 13 -11.30 -40.61 6.81
CA ASP B 13 -12.73 -40.39 6.58
C ASP B 13 -13.51 -40.14 7.89
N LEU B 14 -14.76 -39.69 7.75
CA LEU B 14 -15.64 -39.44 8.89
C LEU B 14 -16.71 -40.49 8.99
N PRO B 15 -17.03 -40.95 10.21
CA PRO B 15 -18.14 -41.88 10.36
C PRO B 15 -19.45 -41.21 9.94
N ALA B 16 -20.43 -42.00 9.48
CA ALA B 16 -21.69 -41.47 8.96
C ALA B 16 -22.38 -40.54 9.96
N GLU B 17 -22.40 -40.95 11.23
CA GLU B 17 -23.13 -40.21 12.25
C GLU B 17 -22.53 -38.83 12.44
N ILE B 18 -21.20 -38.76 12.51
CA ILE B 18 -20.53 -37.48 12.69
C ILE B 18 -20.67 -36.62 11.46
N ARG B 19 -20.65 -37.25 10.28
N ARG B 19 -20.65 -37.24 10.28
CA ARG B 19 -20.84 -36.53 9.02
CA ARG B 19 -20.83 -36.51 9.03
C ARG B 19 -22.19 -35.83 9.02
C ARG B 19 -22.20 -35.81 9.03
N GLU B 20 -23.23 -36.55 9.44
CA GLU B 20 -24.58 -36.01 9.47
C GLU B 20 -24.72 -34.88 10.50
N GLN B 21 -24.06 -35.03 11.64
CA GLN B 21 -24.04 -33.96 12.64
C GLN B 21 -23.38 -32.72 12.11
N ILE B 22 -22.26 -32.90 11.41
CA ILE B 22 -21.54 -31.78 10.80
C ILE B 22 -22.40 -31.02 9.80
N ILE B 23 -23.06 -31.72 8.88
CA ILE B 23 -23.87 -30.99 7.89
C ILE B 23 -25.09 -30.28 8.51
N HIS B 24 -25.66 -30.87 9.55
N HIS B 24 -25.66 -30.86 9.56
CA HIS B 24 -26.77 -30.22 10.26
CA HIS B 24 -26.77 -30.22 10.27
C HIS B 24 -26.27 -28.94 10.93
C HIS B 24 -26.29 -28.94 10.94
N TRP B 25 -25.14 -29.05 11.61
CA TRP B 25 -24.51 -27.91 12.30
C TRP B 25 -24.15 -26.84 11.28
N ARG B 26 -23.57 -27.27 10.17
CA ARG B 26 -23.21 -26.32 9.12
C ARG B 26 -24.43 -25.58 8.56
N ALA B 27 -25.49 -26.32 8.27
CA ALA B 27 -26.70 -25.74 7.71
C ALA B 27 -27.32 -24.76 8.71
N LYS B 28 -27.17 -25.06 9.99
CA LYS B 28 -27.76 -24.24 11.04
C LYS B 28 -27.03 -22.93 11.27
N HIS B 29 -25.71 -22.93 11.09
CA HIS B 29 -24.90 -21.77 11.48
C HIS B 29 -24.36 -20.95 10.32
N PHE B 30 -24.46 -21.49 9.11
CA PHE B 30 -23.93 -20.78 7.95
C PHE B 30 -24.96 -20.64 6.86
N PRO B 31 -25.37 -19.38 6.60
CA PRO B 31 -26.28 -19.07 5.49
C PRO B 31 -25.58 -19.32 4.16
N PRO B 32 -26.37 -19.46 3.07
CA PRO B 32 -25.83 -19.71 1.73
C PRO B 32 -24.71 -18.75 1.32
N GLU B 33 -24.83 -17.48 1.68
CA GLU B 33 -23.84 -16.48 1.28
C GLU B 33 -22.51 -16.57 2.04
N ALA B 34 -22.47 -17.38 3.10
CA ALA B 34 -21.21 -17.57 3.83
C ALA B 34 -20.16 -18.26 2.96
N GLY B 35 -20.62 -19.13 2.05
CA GLY B 35 -19.71 -19.87 1.19
C GLY B 35 -20.38 -21.11 0.61
N ARG B 36 -19.67 -21.83 -0.25
N ARG B 36 -19.66 -21.82 -0.26
CA ARG B 36 -20.22 -23.01 -0.90
CA ARG B 36 -20.21 -23.02 -0.92
C ARG B 36 -19.94 -24.28 -0.12
C ARG B 36 -19.94 -24.30 -0.12
N PRO B 37 -21.01 -25.00 0.26
CA PRO B 37 -20.88 -26.19 1.09
C PRO B 37 -20.18 -27.34 0.36
N VAL B 38 -19.20 -27.94 1.01
CA VAL B 38 -18.59 -29.19 0.54
C VAL B 38 -19.68 -30.26 0.65
N ALA B 39 -19.82 -31.11 -0.37
CA ALA B 39 -20.86 -32.14 -0.34
C ALA B 39 -20.60 -33.07 0.83
N ALA B 40 -21.67 -33.54 1.46
CA ALA B 40 -21.55 -34.34 2.68
C ALA B 40 -20.60 -35.51 2.48
N ASP B 41 -20.73 -36.18 1.33
N ASP B 41 -20.74 -36.19 1.33
CA ASP B 41 -19.92 -37.37 1.09
CA ASP B 41 -19.93 -37.38 1.06
C ASP B 41 -18.46 -37.05 0.78
C ASP B 41 -18.46 -37.05 0.78
N ASN B 42 -18.18 -35.78 0.51
CA ASN B 42 -16.80 -35.36 0.23
C ASN B 42 -16.05 -34.85 1.46
N LEU B 43 -16.72 -34.77 2.61
CA LEU B 43 -16.06 -34.28 3.81
C LEU B 43 -15.00 -35.30 4.23
N HIS B 44 -13.76 -34.84 4.41
CA HIS B 44 -12.66 -35.72 4.77
C HIS B 44 -11.51 -34.89 5.32
N LEU B 45 -10.52 -35.56 5.88
CA LEU B 45 -9.30 -34.91 6.34
C LEU B 45 -8.14 -35.40 5.47
N THR B 46 -7.54 -34.52 4.67
CA THR B 46 -6.46 -34.97 3.80
C THR B 46 -5.17 -35.17 4.58
N LEU B 47 -4.51 -36.29 4.31
CA LEU B 47 -3.22 -36.64 4.91
C LEU B 47 -2.07 -36.19 4.02
N ALA B 48 -2.19 -36.47 2.72
CA ALA B 48 -1.12 -36.20 1.77
C ALA B 48 -1.70 -36.07 0.37
N PHE B 49 -1.26 -35.06 -0.36
CA PHE B 49 -1.70 -34.89 -1.73
C PHE B 49 -0.58 -35.30 -2.68
N LEU B 50 -0.90 -36.16 -3.65
CA LEU B 50 0.12 -36.75 -4.51
C LEU B 50 0.14 -36.13 -5.89
N GLY B 51 -0.92 -35.44 -6.26
CA GLY B 51 -1.01 -34.88 -7.61
C GLY B 51 -1.27 -35.97 -8.63
N GLU B 52 -0.89 -35.73 -9.88
CA GLU B 52 -1.10 -36.72 -10.93
C GLU B 52 -0.06 -37.82 -10.85
N VAL B 53 -0.53 -39.07 -10.83
CA VAL B 53 0.33 -40.21 -10.55
C VAL B 53 0.10 -41.28 -11.60
N SER B 54 1.17 -41.75 -12.21
CA SER B 54 1.10 -42.85 -13.18
C SER B 54 0.65 -44.15 -12.50
N ALA B 55 0.11 -45.08 -13.26
CA ALA B 55 -0.33 -46.35 -12.68
C ALA B 55 0.85 -47.06 -12.02
N GLU B 56 2.03 -46.93 -12.62
CA GLU B 56 3.26 -47.50 -12.06
C GLU B 56 3.60 -46.89 -10.70
N LYS B 57 3.62 -45.56 -10.63
CA LYS B 57 3.94 -44.86 -9.40
C LYS B 57 2.91 -45.18 -8.32
N GLU B 58 1.65 -45.28 -8.75
CA GLU B 58 0.56 -45.56 -7.82
C GLU B 58 0.73 -46.93 -7.20
N LYS B 59 1.14 -47.91 -8.01
CA LYS B 59 1.37 -49.25 -7.47
C LYS B 59 2.46 -49.22 -6.42
N ALA B 60 3.54 -48.49 -6.71
CA ALA B 60 4.66 -48.36 -5.78
C ALA B 60 4.24 -47.67 -4.49
N LEU B 61 3.51 -46.56 -4.62
CA LEU B 61 3.01 -45.83 -3.45
C LEU B 61 2.08 -46.67 -2.59
N SER B 62 1.26 -47.50 -3.23
CA SER B 62 0.31 -48.35 -2.52
C SER B 62 1.03 -49.41 -1.72
N LEU B 63 2.07 -49.98 -2.32
CA LEU B 63 2.92 -50.93 -1.60
C LEU B 63 3.53 -50.30 -0.35
N LEU B 64 4.04 -49.09 -0.48
CA LEU B 64 4.67 -48.45 0.66
C LEU B 64 3.63 -48.18 1.75
N ALA B 65 2.43 -47.73 1.33
CA ALA B 65 1.34 -47.48 2.27
C ALA B 65 0.96 -48.76 3.00
N GLY B 66 0.99 -49.88 2.26
CA GLY B 66 0.63 -51.16 2.84
C GLY B 66 1.68 -51.65 3.83
N ARG B 67 2.82 -50.98 3.88
CA ARG B 67 3.90 -51.36 4.79
C ARG B 67 3.72 -50.66 6.12
N ILE B 68 2.91 -49.61 6.13
CA ILE B 68 2.72 -48.80 7.32
C ILE B 68 2.12 -49.62 8.46
N ARG B 69 2.79 -49.56 9.62
CA ARG B 69 2.30 -50.21 10.82
C ARG B 69 2.24 -49.15 11.92
N GLN B 70 1.04 -48.72 12.27
CA GLN B 70 0.90 -47.89 13.45
C GLN B 70 -0.49 -48.03 14.02
N PRO B 71 -0.61 -47.86 15.35
CA PRO B 71 -1.92 -47.97 16.01
C PRO B 71 -2.88 -46.94 15.47
N GLY B 72 -4.17 -47.22 15.65
CA GLY B 72 -5.19 -46.23 15.34
C GLY B 72 -5.12 -45.14 16.38
N PHE B 73 -5.94 -44.11 16.21
CA PHE B 73 -5.97 -43.02 17.18
C PHE B 73 -7.36 -42.42 17.16
N THR B 74 -7.63 -41.56 18.13
CA THR B 74 -8.93 -40.93 18.23
C THR B 74 -8.84 -39.48 17.79
N LEU B 75 -9.81 -39.06 16.98
CA LEU B 75 -9.90 -37.65 16.63
C LEU B 75 -11.10 -37.05 17.32
N THR B 76 -10.91 -35.89 17.93
CA THR B 76 -12.00 -35.19 18.57
C THR B 76 -12.00 -33.79 17.96
N LEU B 77 -13.08 -33.45 17.27
CA LEU B 77 -13.12 -32.20 16.52
C LEU B 77 -13.60 -31.11 17.46
N ASP B 78 -12.64 -30.37 18.03
CA ASP B 78 -12.98 -29.38 19.07
C ASP B 78 -12.83 -27.95 18.56
N ASP B 79 -12.45 -27.81 17.30
CA ASP B 79 -12.02 -26.51 16.78
C ASP B 79 -12.73 -26.24 15.45
N ALA B 80 -13.01 -24.97 15.18
CA ALA B 80 -13.53 -24.60 13.87
C ALA B 80 -12.95 -23.24 13.59
N GLY B 81 -12.76 -22.92 12.31
CA GLY B 81 -12.19 -21.63 12.01
C GLY B 81 -12.31 -21.32 10.54
N GLN B 82 -11.71 -20.20 10.16
CA GLN B 82 -11.76 -19.76 8.78
C GLN B 82 -10.36 -19.34 8.34
N TRP B 83 -9.99 -19.69 7.12
CA TRP B 83 -8.77 -19.21 6.51
C TRP B 83 -9.16 -18.34 5.34
N LEU B 84 -9.03 -17.01 5.49
CA LEU B 84 -9.48 -16.10 4.47
C LEU B 84 -8.58 -16.19 3.25
N ARG B 85 -7.33 -16.60 3.45
CA ARG B 85 -6.41 -16.62 2.31
C ARG B 85 -6.89 -17.61 1.24
N SER B 86 -7.31 -18.79 1.68
CA SER B 86 -7.82 -19.79 0.75
C SER B 86 -9.35 -19.80 0.75
N ARG B 87 -9.96 -18.93 1.55
CA ARG B 87 -11.41 -18.72 1.56
C ARG B 87 -12.18 -19.97 1.96
N VAL B 88 -11.74 -20.60 3.05
CA VAL B 88 -12.40 -21.83 3.52
C VAL B 88 -12.80 -21.67 4.97
N VAL B 89 -13.84 -22.39 5.34
CA VAL B 89 -14.25 -22.56 6.73
C VAL B 89 -14.03 -24.03 6.99
N TRP B 90 -13.44 -24.34 8.14
CA TRP B 90 -12.98 -25.71 8.39
C TRP B 90 -13.26 -26.17 9.79
N LEU B 91 -13.21 -27.48 10.00
N LEU B 91 -13.14 -27.48 9.98
CA LEU B 91 -13.25 -28.09 11.32
CA LEU B 91 -13.24 -28.14 11.27
C LEU B 91 -11.87 -28.71 11.59
C LEU B 91 -11.87 -28.73 11.58
N GLY B 92 -11.50 -28.81 12.85
CA GLY B 92 -10.20 -29.37 13.20
C GLY B 92 -10.05 -29.82 14.65
N MET B 93 -8.83 -30.17 15.04
N MET B 93 -8.82 -30.19 15.00
CA MET B 93 -8.52 -30.55 16.43
CA MET B 93 -8.45 -30.45 16.37
C MET B 93 -7.36 -29.66 16.88
C MET B 93 -7.41 -29.44 16.77
N ARG B 94 -7.57 -28.88 17.95
CA ARG B 94 -6.57 -27.96 18.47
C ARG B 94 -5.23 -28.65 18.69
N GLN B 95 -5.27 -29.87 19.19
CA GLN B 95 -4.05 -30.61 19.50
C GLN B 95 -4.15 -32.00 18.90
N PRO B 96 -3.86 -32.11 17.60
CA PRO B 96 -4.00 -33.40 16.91
C PRO B 96 -3.18 -34.50 17.57
N PRO B 97 -3.67 -35.75 17.54
CA PRO B 97 -2.87 -36.81 18.18
C PRO B 97 -1.57 -37.06 17.42
N ARG B 98 -0.52 -37.45 18.11
CA ARG B 98 0.77 -37.71 17.49
C ARG B 98 0.64 -38.70 16.33
N GLY B 99 -0.21 -39.71 16.52
CA GLY B 99 -0.44 -40.71 15.49
C GLY B 99 -0.92 -40.14 14.17
N LEU B 100 -1.75 -39.09 14.23
CA LEU B 100 -2.24 -38.47 13.00
C LEU B 100 -1.10 -37.77 12.26
N ILE B 101 -0.31 -37.00 13.00
CA ILE B 101 0.83 -36.27 12.44
C ILE B 101 1.82 -37.24 11.85
N GLN B 102 2.09 -38.31 12.61
CA GLN B 102 3.05 -39.31 12.19
C GLN B 102 2.61 -40.00 10.89
N LEU B 103 1.32 -40.32 10.78
CA LEU B 103 0.80 -40.97 9.57
C LEU B 103 0.92 -40.05 8.36
N ALA B 104 0.53 -38.78 8.53
CA ALA B 104 0.65 -37.82 7.44
C ALA B 104 2.10 -37.65 7.01
N ASN B 105 2.98 -37.47 8.00
CA ASN B 105 4.40 -37.31 7.71
C ASN B 105 4.97 -38.52 6.99
N MET B 106 4.51 -39.70 7.38
CA MET B 106 5.00 -40.93 6.76
C MET B 106 4.59 -40.99 5.29
N LEU B 107 3.33 -40.62 5.02
CA LEU B 107 2.80 -40.70 3.66
C LEU B 107 3.46 -39.67 2.79
N ARG B 108 3.74 -38.50 3.35
N ARG B 108 3.73 -38.49 3.35
CA ARG B 108 4.41 -37.44 2.61
CA ARG B 108 4.42 -37.45 2.62
C ARG B 108 5.88 -37.79 2.36
C ARG B 108 5.88 -37.81 2.35
N SER B 109 6.51 -38.50 3.30
CA SER B 109 7.88 -38.96 3.13
C SER B 109 7.98 -39.99 2.00
N GLN B 110 7.06 -40.96 2.01
CA GLN B 110 7.05 -42.00 0.97
C GLN B 110 6.82 -41.39 -0.41
N ALA B 111 6.03 -40.32 -0.46
CA ALA B 111 5.80 -39.57 -1.70
C ALA B 111 7.06 -38.91 -2.23
N ALA B 112 7.86 -38.34 -1.33
CA ALA B 112 9.07 -37.61 -1.73
C ALA B 112 10.19 -38.49 -2.29
N ARG B 113 10.22 -39.76 -1.86
CA ARG B 113 11.15 -40.72 -2.43
C ARG B 113 10.59 -41.23 -3.76
N SER B 114 11.27 -40.90 -4.86
CA SER B 114 10.79 -41.29 -6.18
C SER B 114 11.72 -42.30 -6.86
N ASN B 120 3.43 -30.69 -1.29
CA ASN B 120 2.34 -30.44 -0.36
C ASN B 120 2.45 -29.09 0.33
N ARG B 121 1.30 -28.52 0.66
CA ARG B 121 1.20 -27.45 1.64
C ARG B 121 1.55 -28.07 2.99
N PRO B 122 2.07 -27.27 3.94
CA PRO B 122 2.41 -27.80 5.27
C PRO B 122 1.21 -28.47 5.92
N PHE B 123 1.41 -29.54 6.70
CA PHE B 123 0.28 -30.26 7.29
C PHE B 123 -0.43 -29.48 8.37
N HIS B 124 -1.65 -29.06 8.07
CA HIS B 124 -2.51 -28.42 9.05
C HIS B 124 -3.83 -29.15 9.00
N PRO B 125 -3.92 -30.26 9.76
CA PRO B 125 -5.06 -31.17 9.64
C PRO B 125 -6.36 -30.43 9.81
N HIS B 126 -7.29 -30.64 8.89
CA HIS B 126 -8.53 -29.88 8.87
C HIS B 126 -9.56 -30.57 7.98
N ILE B 127 -10.82 -30.28 8.22
CA ILE B 127 -11.90 -30.74 7.36
C ILE B 127 -12.62 -29.53 6.80
N THR B 128 -12.46 -29.28 5.51
CA THR B 128 -13.06 -28.10 4.92
C THR B 128 -14.56 -28.31 4.79
N LEU B 129 -15.34 -27.30 5.20
CA LEU B 129 -16.79 -27.39 5.24
C LEU B 129 -17.39 -26.49 4.18
N LEU B 130 -16.77 -25.32 4.00
CA LEU B 130 -17.24 -24.31 3.05
C LEU B 130 -16.08 -23.80 2.22
N ARG B 131 -16.32 -23.59 0.92
CA ARG B 131 -15.35 -22.96 0.04
C ARG B 131 -15.87 -21.60 -0.41
N ASP B 132 -14.97 -20.81 -0.98
N ASP B 132 -15.00 -20.79 -0.99
CA ASP B 132 -15.23 -19.44 -1.40
CA ASP B 132 -15.37 -19.44 -1.43
C ASP B 132 -15.88 -18.62 -0.31
C ASP B 132 -15.92 -18.59 -0.30
N ALA B 133 -15.44 -18.85 0.91
CA ALA B 133 -15.85 -18.05 2.05
C ALA B 133 -14.89 -16.86 2.15
N SER B 134 -15.15 -15.83 1.36
CA SER B 134 -14.21 -14.72 1.22
C SER B 134 -14.28 -13.71 2.36
N GLU B 135 -15.36 -13.73 3.12
CA GLU B 135 -15.53 -12.76 4.19
C GLU B 135 -15.56 -13.44 5.55
N ALA B 136 -14.97 -12.78 6.54
CA ALA B 136 -15.03 -13.27 7.92
C ALA B 136 -16.48 -13.43 8.36
N VAL B 137 -16.81 -14.60 8.88
CA VAL B 137 -18.15 -14.82 9.44
C VAL B 137 -18.01 -15.38 10.84
N THR B 138 -19.06 -15.28 11.62
CA THR B 138 -19.05 -15.82 12.98
C THR B 138 -18.86 -17.34 12.89
N ILE B 139 -17.85 -17.85 13.60
CA ILE B 139 -17.57 -19.28 13.62
C ILE B 139 -17.95 -19.81 15.01
N PRO B 140 -19.05 -20.57 15.11
CA PRO B 140 -19.38 -21.14 16.43
C PRO B 140 -18.45 -22.29 16.72
N PRO B 141 -18.39 -22.74 17.99
CA PRO B 141 -17.60 -23.94 18.24
C PRO B 141 -18.30 -25.11 17.60
N PRO B 142 -17.56 -26.19 17.33
CA PRO B 142 -18.23 -27.38 16.77
C PRO B 142 -19.21 -27.98 17.76
N GLY B 143 -20.05 -28.91 17.30
CA GLY B 143 -21.01 -29.57 18.17
C GLY B 143 -20.32 -30.40 19.22
N PHE B 144 -21.11 -30.91 20.17
CA PHE B 144 -20.57 -31.64 21.29
C PHE B 144 -20.22 -33.07 20.91
N ASN B 145 -19.05 -33.52 21.34
CA ASN B 145 -18.69 -34.94 21.29
C ASN B 145 -18.47 -35.49 19.90
N TRP B 146 -17.93 -34.67 19.00
CA TRP B 146 -17.59 -35.16 17.66
C TRP B 146 -16.26 -35.84 17.77
N SER B 147 -16.27 -37.07 18.30
CA SER B 147 -15.04 -37.75 18.65
C SER B 147 -15.18 -39.17 18.14
N TYR B 148 -14.15 -39.67 17.48
CA TYR B 148 -14.22 -41.03 16.99
C TYR B 148 -12.87 -41.71 16.81
N ALA B 149 -12.89 -43.04 16.85
CA ALA B 149 -11.67 -43.82 16.60
C ALA B 149 -11.43 -43.93 15.10
N VAL B 150 -10.21 -43.59 14.69
CA VAL B 150 -9.81 -43.73 13.29
C VAL B 150 -9.20 -45.12 13.14
N THR B 151 -9.75 -45.92 12.25
CA THR B 151 -9.34 -47.32 12.18
C THR B 151 -8.63 -47.63 10.87
N GLU B 152 -8.68 -46.68 9.94
CA GLU B 152 -8.19 -46.87 8.57
C GLU B 152 -7.75 -45.55 7.97
N PHE B 153 -6.96 -45.63 6.89
CA PHE B 153 -6.77 -44.44 6.04
C PHE B 153 -7.01 -44.90 4.61
N THR B 154 -7.26 -43.97 3.69
CA THR B 154 -7.76 -44.35 2.38
C THR B 154 -7.02 -43.59 1.29
N LEU B 155 -6.71 -44.28 0.20
CA LEU B 155 -6.20 -43.64 -1.00
C LEU B 155 -7.38 -43.31 -1.91
N TYR B 156 -7.47 -42.05 -2.33
CA TYR B 156 -8.57 -41.60 -3.16
C TYR B 156 -8.07 -41.15 -4.51
N ALA B 157 -8.87 -41.38 -5.54
CA ALA B 157 -8.67 -40.73 -6.83
C ALA B 157 -9.61 -39.53 -6.87
N SER B 158 -9.13 -38.44 -7.44
CA SER B 158 -9.91 -37.20 -7.46
C SER B 158 -10.27 -36.83 -8.88
N SER B 159 -11.53 -36.51 -9.13
CA SER B 159 -11.96 -36.10 -10.47
C SER B 159 -13.00 -34.98 -10.38
N PHE B 160 -13.23 -34.30 -11.49
CA PHE B 160 -14.12 -33.15 -11.50
C PHE B 160 -14.88 -33.06 -12.83
N ALA B 161 -16.21 -32.97 -12.73
CA ALA B 161 -17.06 -32.84 -13.91
C ALA B 161 -18.42 -32.28 -13.53
N ARG B 162 -19.08 -31.63 -14.49
CA ARG B 162 -20.42 -31.10 -14.29
C ARG B 162 -20.52 -30.23 -13.04
N GLY B 163 -19.43 -29.54 -12.73
CA GLY B 163 -19.40 -28.64 -11.59
C GLY B 163 -19.36 -29.33 -10.24
N ARG B 164 -19.11 -30.63 -10.24
CA ARG B 164 -19.02 -31.33 -8.95
C ARG B 164 -17.76 -32.20 -8.83
N THR B 165 -17.14 -32.12 -7.65
CA THR B 165 -15.91 -32.85 -7.36
C THR B 165 -16.26 -34.25 -6.90
N ARG B 166 -15.49 -35.24 -7.32
CA ARG B 166 -15.74 -36.62 -6.93
C ARG B 166 -14.46 -37.23 -6.38
N TYR B 167 -14.57 -37.89 -5.23
CA TYR B 167 -13.43 -38.57 -4.62
C TYR B 167 -13.80 -40.03 -4.62
N THR B 168 -13.03 -40.83 -5.35
CA THR B 168 -13.32 -42.26 -5.51
C THR B 168 -12.31 -43.06 -4.69
N PRO B 169 -12.79 -43.88 -3.74
CA PRO B 169 -11.79 -44.60 -2.97
C PRO B 169 -11.14 -45.71 -3.82
N LEU B 170 -9.84 -45.89 -3.68
CA LEU B 170 -9.13 -46.91 -4.44
C LEU B 170 -8.70 -48.08 -3.55
N LYS B 171 -8.17 -47.74 -2.38
N LYS B 171 -8.17 -47.75 -2.37
CA LYS B 171 -7.65 -48.71 -1.43
CA LYS B 171 -7.65 -48.73 -1.45
C LYS B 171 -7.81 -48.17 -0.01
C LYS B 171 -7.79 -48.18 -0.03
N ARG B 172 -7.95 -49.08 0.95
N ARG B 172 -7.92 -49.08 0.94
CA ARG B 172 -7.98 -48.71 2.36
CA ARG B 172 -7.94 -48.69 2.34
C ARG B 172 -6.99 -49.58 3.12
C ARG B 172 -6.98 -49.57 3.12
N TRP B 173 -6.41 -49.03 4.19
CA TRP B 173 -5.50 -49.78 5.04
C TRP B 173 -5.88 -49.59 6.50
N ALA B 174 -6.07 -50.69 7.22
CA ALA B 174 -6.35 -50.58 8.65
C ALA B 174 -5.09 -50.13 9.38
N LEU B 175 -5.28 -49.34 10.44
N LEU B 175 -5.27 -49.29 10.40
CA LEU B 175 -4.18 -48.98 11.32
CA LEU B 175 -4.16 -48.92 11.26
C LEU B 175 -3.91 -50.05 12.38
C LEU B 175 -3.94 -50.00 12.31
N THR B 176 -2.82 -50.80 12.20
N THR B 176 -2.82 -50.72 12.20
CA THR B 176 -2.43 -51.87 13.12
CA THR B 176 -2.45 -51.86 13.06
C THR B 176 -0.92 -51.79 13.30
C THR B 176 -3.48 -52.33 14.09
N GLN B 177 -0.40 -52.26 14.43
N GLN B 177 -3.80 -51.43 15.02
CA GLN B 177 1.04 -52.23 14.63
CA GLN B 177 -4.90 -51.49 16.02
C GLN B 177 1.70 -53.59 14.39
C GLN B 177 -4.47 -50.73 17.27
N SER C 3 -10.42 16.13 16.22
CA SER C 3 -8.97 16.13 16.06
C SER C 3 -8.47 17.45 15.50
N GLU C 4 -7.44 17.36 14.67
CA GLU C 4 -6.81 18.53 14.05
C GLU C 4 -7.75 19.26 13.09
N PRO C 5 -8.01 20.55 13.39
CA PRO C 5 -8.66 21.42 12.40
C PRO C 5 -7.66 21.73 11.30
N GLN C 6 -8.09 21.83 10.04
CA GLN C 6 -7.15 22.01 8.95
C GLN C 6 -7.52 23.14 8.00
N ARG C 7 -6.51 23.58 7.25
CA ARG C 7 -6.67 24.62 6.25
C ARG C 7 -6.91 23.97 4.91
N LEU C 8 -8.14 24.06 4.41
CA LEU C 8 -8.55 23.21 3.28
C LEU C 8 -8.92 24.01 2.05
N PHE C 9 -8.77 23.37 0.88
CA PHE C 9 -9.31 23.93 -0.36
C PHE C 9 -9.58 22.82 -1.34
N PHE C 10 -10.49 23.07 -2.29
CA PHE C 10 -10.74 22.13 -3.39
C PHE C 10 -9.96 22.60 -4.59
N ALA C 11 -9.43 21.69 -5.39
CA ALA C 11 -8.65 22.11 -6.56
C ALA C 11 -8.76 21.13 -7.69
N ILE C 12 -8.34 21.60 -8.85
CA ILE C 12 -8.13 20.78 -10.06
C ILE C 12 -6.62 20.66 -10.22
N ASP C 13 -6.13 19.47 -10.55
CA ASP C 13 -4.69 19.29 -10.73
C ASP C 13 -4.26 19.27 -12.19
N LEU C 14 -2.94 19.35 -12.42
N LEU C 14 -2.95 19.32 -12.42
CA LEU C 14 -2.35 19.30 -13.76
CA LEU C 14 -2.39 19.30 -13.77
C LEU C 14 -1.65 17.98 -13.97
C LEU C 14 -1.65 18.00 -13.98
N PRO C 15 -1.76 17.41 -15.18
CA PRO C 15 -1.01 16.19 -15.50
C PRO C 15 0.49 16.50 -15.38
N ALA C 16 1.33 15.51 -15.07
CA ALA C 16 2.75 15.78 -14.83
C ALA C 16 3.43 16.40 -16.03
N GLU C 17 3.08 15.94 -17.23
N GLU C 17 3.05 15.94 -17.22
CA GLU C 17 3.71 16.44 -18.45
CA GLU C 17 3.67 16.40 -18.47
C GLU C 17 3.50 17.93 -18.63
C GLU C 17 3.48 17.90 -18.66
N ILE C 18 2.27 18.38 -18.39
CA ILE C 18 1.93 19.79 -18.56
C ILE C 18 2.61 20.60 -17.47
N ARG C 19 2.68 20.03 -16.27
N ARG C 19 2.68 20.05 -16.26
CA ARG C 19 3.37 20.67 -15.15
CA ARG C 19 3.39 20.74 -15.18
C ARG C 19 4.86 20.89 -15.47
C ARG C 19 4.86 20.93 -15.54
N GLU C 20 5.46 19.91 -16.13
CA GLU C 20 6.87 19.97 -16.52
C GLU C 20 7.09 21.06 -17.56
N GLN C 21 6.21 21.09 -18.57
CA GLN C 21 6.28 22.13 -19.60
C GLN C 21 6.15 23.52 -19.00
N ILE C 22 5.22 23.68 -18.08
CA ILE C 22 5.02 24.98 -17.43
C ILE C 22 6.27 25.47 -16.70
N ILE C 23 6.88 24.62 -15.88
CA ILE C 23 8.07 25.05 -15.14
C ILE C 23 9.26 25.32 -16.05
N HIS C 24 9.36 24.58 -17.15
N HIS C 24 9.35 24.59 -17.17
CA HIS C 24 10.40 24.84 -18.14
CA HIS C 24 10.39 24.83 -18.16
C HIS C 24 10.17 26.21 -18.79
C HIS C 24 10.17 26.20 -18.81
N TRP C 25 8.94 26.46 -19.21
CA TRP C 25 8.54 27.73 -19.82
C TRP C 25 8.71 28.90 -18.84
N ARG C 26 8.40 28.66 -17.57
CA ARG C 26 8.53 29.69 -16.55
C ARG C 26 10.00 30.09 -16.38
N ALA C 27 10.88 29.10 -16.27
CA ALA C 27 12.30 29.35 -16.07
C ALA C 27 12.90 30.06 -17.27
N LYS C 28 12.40 29.72 -18.45
CA LYS C 28 12.89 30.32 -19.69
C LYS C 28 12.50 31.79 -19.78
N HIS C 29 11.33 32.14 -19.24
CA HIS C 29 10.78 33.47 -19.46
C HIS C 29 10.78 34.39 -18.24
N PHE C 30 10.98 33.82 -17.06
CA PHE C 30 10.99 34.63 -15.85
C PHE C 30 12.28 34.48 -15.04
N PRO C 31 13.09 35.56 -14.97
CA PRO C 31 14.29 35.51 -14.13
C PRO C 31 13.87 35.47 -12.66
N PRO C 32 14.79 35.07 -11.77
CA PRO C 32 14.44 34.96 -10.34
C PRO C 32 13.92 36.26 -9.73
N GLU C 33 14.37 37.41 -10.24
CA GLU C 33 13.92 38.71 -9.74
C GLU C 33 12.41 38.94 -9.94
N ALA C 34 11.84 38.31 -10.97
CA ALA C 34 10.43 38.46 -11.31
C ALA C 34 9.48 38.04 -10.17
N GLY C 35 9.91 37.09 -9.36
CA GLY C 35 9.10 36.61 -8.24
C GLY C 35 9.51 35.23 -7.81
N ARG C 36 8.90 34.69 -6.75
CA ARG C 36 9.26 33.36 -6.27
C ARG C 36 8.42 32.26 -6.91
N PRO C 37 9.11 31.27 -7.51
CA PRO C 37 8.42 30.21 -8.26
C PRO C 37 7.57 29.35 -7.34
N VAL C 38 6.39 28.96 -7.81
CA VAL C 38 5.60 27.96 -7.13
C VAL C 38 6.23 26.62 -7.48
N ALA C 39 6.53 25.79 -6.48
CA ALA C 39 7.12 24.48 -6.75
C ALA C 39 6.24 23.72 -7.73
N ALA C 40 6.85 22.95 -8.63
CA ALA C 40 6.11 22.25 -9.67
C ALA C 40 4.93 21.45 -9.12
N ASP C 41 5.16 20.71 -8.04
CA ASP C 41 4.11 19.86 -7.48
C ASP C 41 2.96 20.65 -6.87
N ASN C 42 3.15 21.95 -6.70
CA ASN C 42 2.13 22.78 -6.07
C ASN C 42 1.24 23.51 -7.07
N LEU C 43 1.63 23.46 -8.35
CA LEU C 43 0.82 24.09 -9.39
C LEU C 43 -0.56 23.42 -9.41
N HIS C 44 -1.61 24.23 -9.32
CA HIS C 44 -2.98 23.71 -9.34
C HIS C 44 -3.92 24.87 -9.62
N LEU C 45 -5.18 24.54 -9.86
CA LEU C 45 -6.23 25.52 -10.06
C LEU C 45 -7.21 25.41 -8.91
N THR C 46 -7.27 26.44 -8.07
CA THR C 46 -8.15 26.37 -6.91
C THR C 46 -9.62 26.55 -7.33
N LEU C 47 -10.48 25.68 -6.80
CA LEU C 47 -11.92 25.77 -7.06
C LEU C 47 -12.59 26.57 -5.96
N ALA C 48 -12.25 26.24 -4.71
CA ALA C 48 -12.86 26.89 -3.55
C ALA C 48 -11.91 26.81 -2.37
N PHE C 49 -11.71 27.95 -1.71
CA PHE C 49 -10.89 27.97 -0.51
C PHE C 49 -11.85 27.87 0.67
N LEU C 50 -11.60 26.93 1.57
CA LEU C 50 -12.49 26.71 2.70
C LEU C 50 -11.95 27.35 3.97
N GLY C 51 -10.68 27.71 3.97
CA GLY C 51 -10.10 28.29 5.18
C GLY C 51 -9.92 27.21 6.24
N GLU C 52 -10.02 27.61 7.50
CA GLU C 52 -9.84 26.68 8.60
C GLU C 52 -11.14 25.92 8.85
N VAL C 53 -11.04 24.59 8.91
CA VAL C 53 -12.22 23.75 8.92
C VAL C 53 -12.09 22.63 9.94
N SER C 54 -13.05 22.54 10.86
CA SER C 54 -13.09 21.46 11.84
C SER C 54 -13.26 20.09 11.17
N ALA C 55 -12.84 19.03 11.86
CA ALA C 55 -12.98 17.67 11.32
C ALA C 55 -14.45 17.35 11.07
N GLU C 56 -15.30 17.83 11.99
CA GLU C 56 -16.74 17.72 11.84
C GLU C 56 -17.24 18.38 10.56
N LYS C 57 -16.83 19.63 10.32
CA LYS C 57 -17.30 20.36 9.15
C LYS C 57 -16.72 19.79 7.87
N GLU C 58 -15.46 19.35 7.93
CA GLU C 58 -14.84 18.69 6.80
C GLU C 58 -15.65 17.47 6.37
N LYS C 59 -16.13 16.73 7.36
CA LYS C 59 -16.96 15.56 7.06
C LYS C 59 -18.23 15.98 6.31
N ALA C 60 -18.88 17.03 6.81
CA ALA C 60 -20.11 17.54 6.20
C ALA C 60 -19.87 17.99 4.76
N LEU C 61 -18.81 18.76 4.56
CA LEU C 61 -18.45 19.28 3.23
C LEU C 61 -18.09 18.17 2.25
N SER C 62 -17.45 17.11 2.75
CA SER C 62 -17.05 16.02 1.87
C SER C 62 -18.26 15.24 1.37
N LEU C 63 -19.27 15.11 2.25
CA LEU C 63 -20.54 14.51 1.85
C LEU C 63 -21.22 15.31 0.73
N LEU C 64 -21.29 16.63 0.89
CA LEU C 64 -21.89 17.47 -0.14
C LEU C 64 -21.11 17.36 -1.46
N ALA C 65 -19.79 17.32 -1.38
CA ALA C 65 -18.97 17.25 -2.59
C ALA C 65 -19.22 15.93 -3.28
N GLY C 66 -19.45 14.88 -2.48
CA GLY C 66 -19.68 13.55 -3.03
C GLY C 66 -21.03 13.42 -3.70
N ARG C 67 -21.84 14.46 -3.57
CA ARG C 67 -23.15 14.50 -4.19
C ARG C 67 -23.13 15.24 -5.53
N ILE C 68 -22.01 15.90 -5.81
CA ILE C 68 -21.83 16.60 -7.08
C ILE C 68 -21.82 15.65 -8.28
N ARG C 69 -22.66 15.95 -9.27
CA ARG C 69 -22.77 15.13 -10.48
C ARG C 69 -22.62 16.00 -11.71
N GLN C 70 -21.52 15.83 -12.42
CA GLN C 70 -21.36 16.50 -13.70
C GLN C 70 -20.26 15.87 -14.51
N PRO C 71 -20.31 16.04 -15.84
CA PRO C 71 -19.29 15.44 -16.70
C PRO C 71 -17.94 16.11 -16.52
N GLY C 72 -16.90 15.41 -16.93
CA GLY C 72 -15.58 15.97 -17.01
C GLY C 72 -15.60 17.03 -18.09
N PHE C 73 -14.50 17.77 -18.22
CA PHE C 73 -14.39 18.82 -19.22
C PHE C 73 -12.93 19.00 -19.56
N THR C 74 -12.65 19.73 -20.63
CA THR C 74 -11.28 19.93 -21.06
C THR C 74 -10.84 21.35 -20.70
N LEU C 75 -9.61 21.48 -20.19
CA LEU C 75 -9.03 22.81 -19.94
C LEU C 75 -7.93 23.02 -20.95
N THR C 76 -7.90 24.19 -21.56
CA THR C 76 -6.83 24.53 -22.47
C THR C 76 -6.32 25.87 -22.01
N LEU C 77 -5.08 25.88 -21.51
CA LEU C 77 -4.49 27.07 -20.93
C LEU C 77 -3.95 27.93 -22.06
N ASP C 78 -4.74 28.92 -22.47
CA ASP C 78 -4.38 29.78 -23.59
C ASP C 78 -4.00 31.20 -23.17
N ASP C 79 -4.02 31.46 -21.86
CA ASP C 79 -3.90 32.81 -21.30
C ASP C 79 -2.84 32.85 -20.22
N ALA C 80 -2.13 33.98 -20.10
CA ALA C 80 -1.22 34.16 -18.97
C ALA C 80 -1.29 35.64 -18.62
N GLY C 81 -0.98 35.97 -17.37
CA GLY C 81 -1.04 37.36 -16.98
C GLY C 81 -0.51 37.60 -15.60
N GLN C 82 -0.65 38.85 -15.14
CA GLN C 82 -0.11 39.23 -13.85
C GLN C 82 -1.11 40.14 -13.13
N TRP C 83 -1.40 39.84 -11.87
CA TRP C 83 -2.19 40.72 -11.01
C TRP C 83 -1.26 41.37 -10.00
N LEU C 84 -0.93 42.64 -10.21
CA LEU C 84 -0.03 43.37 -9.30
C LEU C 84 -0.59 43.49 -7.89
N ARG C 85 -1.92 43.47 -7.77
N ARG C 85 -1.92 43.49 -7.76
CA ARG C 85 -2.59 43.59 -6.48
CA ARG C 85 -2.53 43.64 -6.44
C ARG C 85 -2.17 42.48 -5.54
C ARG C 85 -2.19 42.46 -5.51
N SER C 86 -2.39 41.24 -5.99
CA SER C 86 -2.07 40.05 -5.20
C SER C 86 -0.64 39.60 -5.47
N ARG C 87 0.03 40.32 -6.36
N ARG C 87 0.04 40.32 -6.35
CA ARG C 87 1.44 40.10 -6.68
CA ARG C 87 1.45 40.08 -6.67
C ARG C 87 1.71 38.68 -7.18
C ARG C 87 1.72 38.68 -7.19
N VAL C 88 0.91 38.26 -8.16
CA VAL C 88 1.10 36.95 -8.76
C VAL C 88 1.15 36.98 -10.28
N VAL C 89 1.82 36.00 -10.85
CA VAL C 89 1.80 35.76 -12.28
C VAL C 89 1.11 34.43 -12.47
N TRP C 90 0.15 34.36 -13.40
CA TRP C 90 -0.72 33.18 -13.49
C TRP C 90 -0.91 32.69 -14.92
N LEU C 91 -1.40 31.46 -15.05
CA LEU C 91 -1.90 30.90 -16.29
C LEU C 91 -3.41 30.74 -16.16
N GLY C 92 -4.13 30.85 -17.27
CA GLY C 92 -5.56 30.66 -17.26
C GLY C 92 -6.17 30.30 -18.61
N MET C 93 -7.50 30.39 -18.71
N MET C 93 -7.49 30.39 -18.68
CA MET C 93 -8.22 30.08 -19.94
CA MET C 93 -8.21 30.19 -19.93
C MET C 93 -9.10 31.31 -20.26
C MET C 93 -8.98 31.45 -20.22
N ARG C 94 -8.98 31.87 -21.47
CA ARG C 94 -9.73 33.07 -21.84
C ARG C 94 -11.23 32.88 -21.67
N GLN C 95 -11.71 31.70 -22.07
CA GLN C 95 -13.12 31.36 -21.96
C GLN C 95 -13.22 30.01 -21.26
N PRO C 96 -13.20 30.03 -19.92
CA PRO C 96 -13.25 28.76 -19.17
C PRO C 96 -14.52 27.96 -19.48
N PRO C 97 -14.42 26.62 -19.52
CA PRO C 97 -15.59 25.81 -19.87
C PRO C 97 -16.67 25.94 -18.80
N ARG C 98 -17.94 25.82 -19.17
CA ARG C 98 -19.01 26.02 -18.20
C ARG C 98 -18.92 25.04 -17.05
N GLY C 99 -18.47 23.82 -17.34
CA GLY C 99 -18.36 22.78 -16.31
C GLY C 99 -17.43 23.19 -15.18
N LEU C 100 -16.37 23.92 -15.52
CA LEU C 100 -15.43 24.39 -14.52
C LEU C 100 -16.10 25.41 -13.58
N ILE C 101 -16.81 26.38 -14.15
N ILE C 101 -16.79 26.38 -14.18
CA ILE C 101 -17.48 27.42 -13.37
CA ILE C 101 -17.50 27.43 -13.43
C ILE C 101 -18.60 26.82 -12.53
C ILE C 101 -18.58 26.81 -12.55
N GLN C 102 -19.32 25.88 -13.13
CA GLN C 102 -20.40 25.17 -12.45
C GLN C 102 -19.88 24.39 -11.24
N LEU C 103 -18.76 23.70 -11.42
CA LEU C 103 -18.15 22.93 -10.32
C LEU C 103 -17.71 23.86 -9.19
N ALA C 104 -16.97 24.90 -9.55
CA ALA C 104 -16.49 25.87 -8.56
C ALA C 104 -17.65 26.56 -7.83
N ASN C 105 -18.67 26.99 -8.57
CA ASN C 105 -19.83 27.61 -7.95
C ASN C 105 -20.52 26.65 -6.99
N MET C 106 -20.55 25.38 -7.35
CA MET C 106 -21.19 24.35 -6.50
C MET C 106 -20.45 24.20 -5.18
N LEU C 107 -19.14 24.03 -5.25
CA LEU C 107 -18.32 23.87 -4.05
C LEU C 107 -18.33 25.13 -3.19
N ARG C 108 -18.27 26.30 -3.84
N ARG C 108 -18.30 26.30 -3.83
CA ARG C 108 -18.35 27.57 -3.12
CA ARG C 108 -18.35 27.57 -3.10
C ARG C 108 -19.72 27.76 -2.47
C ARG C 108 -19.73 27.75 -2.45
N SER C 109 -20.77 27.28 -3.13
CA SER C 109 -22.13 27.37 -2.58
C SER C 109 -22.24 26.50 -1.33
N GLN C 110 -21.72 25.28 -1.43
CA GLN C 110 -21.78 24.31 -0.36
C GLN C 110 -20.95 24.76 0.85
N ALA C 111 -19.79 25.36 0.60
CA ALA C 111 -18.92 25.84 1.66
C ALA C 111 -19.60 26.91 2.51
N ALA C 112 -20.19 27.89 1.83
CA ALA C 112 -20.87 28.99 2.51
C ALA C 112 -22.00 28.50 3.44
N ARG C 113 -22.79 27.56 2.94
CA ARG C 113 -23.93 27.03 3.69
C ARG C 113 -23.50 26.20 4.88
N SER C 114 -22.39 25.48 4.72
CA SER C 114 -21.83 24.69 5.81
C SER C 114 -21.03 25.58 6.76
N GLY C 115 -21.21 26.90 6.62
CA GLY C 115 -20.59 27.86 7.51
C GLY C 115 -19.08 27.88 7.46
N CYS C 116 -18.52 28.00 6.26
CA CYS C 116 -17.07 28.08 6.09
C CYS C 116 -16.67 29.38 5.43
N PHE C 117 -15.45 29.42 4.88
CA PHE C 117 -14.97 30.58 4.15
C PHE C 117 -15.89 30.85 2.96
N GLN C 118 -16.24 32.11 2.74
CA GLN C 118 -17.17 32.46 1.66
C GLN C 118 -17.07 33.90 1.17
N SER C 119 -15.85 34.34 0.87
CA SER C 119 -15.61 35.71 0.38
C SER C 119 -16.41 36.02 -0.89
N ASN C 120 -16.86 37.28 -1.00
CA ASN C 120 -17.72 37.72 -2.08
C ASN C 120 -17.04 37.83 -3.46
N ARG C 121 -15.72 37.63 -3.49
CA ARG C 121 -14.96 37.88 -4.70
C ARG C 121 -15.34 36.88 -5.77
N PRO C 122 -15.66 37.37 -6.98
CA PRO C 122 -16.01 36.51 -8.12
C PRO C 122 -14.91 35.51 -8.43
N PHE C 123 -15.29 34.33 -8.90
CA PHE C 123 -14.35 33.28 -9.23
C PHE C 123 -13.50 33.67 -10.43
N HIS C 124 -12.18 33.66 -10.28
CA HIS C 124 -11.28 33.91 -11.40
C HIS C 124 -10.34 32.74 -11.55
N PRO C 125 -10.77 31.69 -12.29
CA PRO C 125 -9.92 30.51 -12.34
C PRO C 125 -8.56 30.82 -12.90
N HIS C 126 -7.52 30.32 -12.22
CA HIS C 126 -6.16 30.59 -12.62
C HIS C 126 -5.23 29.61 -11.94
N ILE C 127 -4.02 29.49 -12.49
CA ILE C 127 -2.95 28.69 -11.90
C ILE C 127 -1.78 29.63 -11.63
N THR C 128 -1.48 29.88 -10.36
CA THR C 128 -0.42 30.80 -9.99
C THR C 128 0.96 30.14 -10.15
N LEU C 129 1.88 30.86 -10.82
CA LEU C 129 3.21 30.36 -11.17
C LEU C 129 4.31 31.05 -10.36
N LEU C 130 4.10 32.33 -10.06
CA LEU C 130 5.05 33.12 -9.32
C LEU C 130 4.31 33.91 -8.25
N ARG C 131 4.88 33.97 -7.06
N ARG C 131 4.86 33.94 -7.04
CA ARG C 131 4.31 34.78 -6.00
CA ARG C 131 4.28 34.75 -5.97
C ARG C 131 5.22 35.94 -5.69
C ARG C 131 5.20 35.92 -5.67
N ASP C 132 4.67 36.94 -5.00
CA ASP C 132 5.41 38.16 -4.66
C ASP C 132 6.09 38.78 -5.90
N ALA C 133 5.39 38.69 -7.02
CA ALA C 133 5.77 39.38 -8.24
C ALA C 133 5.17 40.78 -8.19
N SER C 134 5.84 41.68 -7.48
CA SER C 134 5.32 43.03 -7.23
C SER C 134 5.50 44.00 -8.39
N GLU C 135 6.35 43.65 -9.36
CA GLU C 135 6.60 44.55 -10.48
C GLU C 135 6.17 43.94 -11.81
N ALA C 136 5.70 44.80 -12.71
CA ALA C 136 5.28 44.36 -14.03
C ALA C 136 6.44 43.69 -14.75
N VAL C 137 6.17 42.49 -15.28
CA VAL C 137 7.14 41.78 -16.08
C VAL C 137 6.49 41.45 -17.41
N THR C 138 7.30 41.30 -18.46
CA THR C 138 6.80 40.82 -19.74
C THR C 138 6.12 39.46 -19.56
N ILE C 139 4.90 39.32 -20.05
CA ILE C 139 4.17 38.05 -19.99
C ILE C 139 4.06 37.44 -21.39
N PRO C 140 4.80 36.36 -21.65
CA PRO C 140 4.65 35.73 -22.95
C PRO C 140 3.37 34.90 -22.97
N PRO C 141 2.89 34.50 -24.16
CA PRO C 141 1.75 33.58 -24.19
C PRO C 141 2.17 32.25 -23.59
N PRO C 142 1.21 31.43 -23.15
CA PRO C 142 1.66 30.14 -22.64
C PRO C 142 2.18 29.28 -23.78
N GLY C 143 2.73 28.11 -23.45
CA GLY C 143 3.26 27.22 -24.46
C GLY C 143 2.15 26.62 -25.28
N PHE C 144 2.53 25.90 -26.33
CA PHE C 144 1.57 25.31 -27.24
C PHE C 144 0.91 24.05 -26.69
N ASN C 145 -0.41 23.97 -26.85
CA ASN C 145 -1.16 22.74 -26.62
C ASN C 145 -1.19 22.28 -25.17
N TRP C 146 -1.21 23.22 -24.24
CA TRP C 146 -1.38 22.85 -22.83
C TRP C 146 -2.86 22.61 -22.58
N SER C 147 -3.33 21.46 -23.04
CA SER C 147 -4.75 21.15 -23.04
C SER C 147 -4.92 19.74 -22.51
N TYR C 148 -5.88 19.55 -21.62
CA TYR C 148 -6.09 18.22 -21.03
C TYR C 148 -7.49 17.99 -20.47
N ALA C 149 -7.84 16.72 -20.31
CA ALA C 149 -9.13 16.35 -19.74
C ALA C 149 -9.08 16.35 -18.22
N VAL C 150 -10.02 17.06 -17.59
CA VAL C 150 -10.14 17.08 -16.13
C VAL C 150 -11.10 15.96 -15.78
N THR C 151 -10.63 15.00 -14.99
CA THR C 151 -11.41 13.81 -14.68
C THR C 151 -11.86 13.74 -13.23
N GLU C 152 -11.30 14.58 -12.38
CA GLU C 152 -11.54 14.50 -10.94
C GLU C 152 -11.38 15.90 -10.36
N PHE C 153 -11.78 16.07 -9.10
CA PHE C 153 -11.32 17.23 -8.33
C PHE C 153 -10.94 16.72 -6.94
N THR C 154 -10.16 17.50 -6.20
CA THR C 154 -9.51 16.99 -5.00
C THR C 154 -9.59 17.97 -3.84
N LEU C 155 -9.89 17.46 -2.65
CA LEU C 155 -9.85 18.27 -1.44
C LEU C 155 -8.45 18.18 -0.85
N TYR C 156 -7.80 19.32 -0.63
CA TYR C 156 -6.43 19.39 -0.12
C TYR C 156 -6.36 20.06 1.23
N ALA C 157 -5.39 19.64 2.04
CA ALA C 157 -5.00 20.37 3.24
C ALA C 157 -3.71 21.11 2.94
N SER C 158 -3.63 22.35 3.39
CA SER C 158 -2.44 23.17 3.20
C SER C 158 -1.64 23.29 4.50
N SER C 159 -0.33 23.15 4.39
CA SER C 159 0.53 23.32 5.55
C SER C 159 1.82 23.98 5.12
N PHE C 160 2.56 24.52 6.09
CA PHE C 160 3.78 25.26 5.80
C PHE C 160 4.82 25.02 6.88
N ALA C 161 6.05 24.78 6.44
CA ALA C 161 7.21 24.66 7.32
C ALA C 161 8.46 24.61 6.45
N ARG C 162 9.63 24.89 7.03
CA ARG C 162 10.90 24.78 6.31
C ARG C 162 10.88 25.64 5.05
N GLY C 163 10.12 26.74 5.10
CA GLY C 163 9.97 27.63 3.95
C GLY C 163 9.17 27.05 2.79
N ARG C 164 8.73 25.80 2.90
CA ARG C 164 8.00 25.15 1.82
C ARG C 164 6.51 24.99 2.13
N THR C 165 5.68 25.22 1.14
CA THR C 165 4.25 24.96 1.25
C THR C 165 3.97 23.53 0.81
N ARG C 166 3.13 22.83 1.57
CA ARG C 166 2.76 21.44 1.26
C ARG C 166 1.25 21.33 1.08
N TYR C 167 0.85 20.64 0.03
CA TYR C 167 -0.56 20.34 -0.20
C TYR C 167 -0.76 18.83 -0.09
N THR C 168 -1.51 18.39 0.91
CA THR C 168 -1.76 16.96 1.12
C THR C 168 -3.16 16.62 0.63
N PRO C 169 -3.27 15.67 -0.32
CA PRO C 169 -4.58 15.28 -0.82
C PRO C 169 -5.34 14.53 0.26
N LEU C 170 -6.61 14.84 0.44
CA LEU C 170 -7.41 14.22 1.49
C LEU C 170 -8.42 13.26 0.87
N LYS C 171 -9.11 13.73 -0.16
N LYS C 171 -9.12 13.73 -0.15
CA LYS C 171 -10.16 12.98 -0.84
CA LYS C 171 -10.14 12.97 -0.85
C LYS C 171 -10.16 13.41 -2.30
C LYS C 171 -10.15 13.41 -2.30
N ARG C 172 -10.55 12.49 -3.19
CA ARG C 172 -10.75 12.83 -4.60
C ARG C 172 -12.12 12.35 -5.04
N TRP C 173 -12.69 13.03 -6.02
CA TRP C 173 -13.96 12.62 -6.62
C TRP C 173 -13.85 12.73 -8.13
N ALA C 174 -14.16 11.65 -8.83
CA ALA C 174 -14.26 11.66 -10.29
C ALA C 174 -15.44 12.52 -10.76
N LEU C 175 -15.32 13.16 -11.92
N LEU C 175 -15.26 13.18 -11.90
CA LEU C 175 -16.45 13.91 -12.47
CA LEU C 175 -16.36 13.78 -12.64
C LEU C 175 -17.36 13.00 -13.30
C LEU C 175 -16.84 12.72 -13.63
N THR C 176 -18.51 12.63 -12.72
N THR C 176 -18.08 12.84 -14.10
CA THR C 176 -19.47 11.74 -13.37
CA THR C 176 -18.69 11.80 -14.94
C THR C 176 -20.89 12.33 -13.33
C THR C 176 -18.05 11.77 -16.34
N GLN C 177 -21.68 12.06 -14.37
N GLN C 177 -17.97 10.59 -16.94
CA GLN C 177 -23.05 12.59 -14.43
CA GLN C 177 -17.31 10.44 -18.22
C GLN C 177 -24.09 11.69 -13.76
C GLN C 177 -18.24 9.82 -19.26
N SER D 3 37.40 35.22 23.17
CA SER D 3 36.14 35.30 23.90
C SER D 3 34.94 35.37 22.95
N GLU D 4 34.45 36.58 22.70
CA GLU D 4 33.25 36.80 21.89
C GLU D 4 33.55 37.43 20.53
N PRO D 5 32.76 37.06 19.49
CA PRO D 5 31.72 36.04 19.51
C PRO D 5 32.30 34.63 19.49
N GLN D 6 31.44 33.60 19.48
CA GLN D 6 31.90 32.23 19.38
C GLN D 6 31.19 31.51 18.24
N ARG D 7 31.87 30.52 17.67
CA ARG D 7 31.31 29.68 16.62
C ARG D 7 30.55 28.53 17.29
N LEU D 8 29.21 28.54 17.20
CA LEU D 8 28.39 27.63 18.00
C LEU D 8 27.58 26.66 17.16
N PHE D 9 27.27 25.51 17.75
CA PHE D 9 26.34 24.57 17.14
C PHE D 9 25.72 23.68 18.22
N PHE D 10 24.51 23.18 17.96
CA PHE D 10 23.90 22.17 18.83
C PHE D 10 24.21 20.79 18.29
N ALA D 11 24.40 19.82 19.18
CA ALA D 11 24.70 18.47 18.70
C ALA D 11 24.20 17.39 19.64
N ILE D 12 24.17 16.18 19.10
N ILE D 12 24.19 16.18 19.11
CA ILE D 12 23.97 14.94 19.83
CA ILE D 12 23.96 14.98 19.90
C ILE D 12 25.32 14.27 19.94
C ILE D 12 25.27 14.23 19.94
N ASP D 13 25.65 13.71 21.10
CA ASP D 13 26.93 13.04 21.28
C ASP D 13 26.84 11.53 21.29
N LEU D 14 28.01 10.90 21.13
CA LEU D 14 28.10 9.43 21.15
C LEU D 14 28.64 8.99 22.49
N PRO D 15 28.07 7.90 23.07
CA PRO D 15 28.66 7.28 24.26
C PRO D 15 30.07 6.78 23.92
N ALA D 16 30.94 6.70 24.92
CA ALA D 16 32.35 6.36 24.70
C ALA D 16 32.55 5.05 23.95
N GLU D 17 31.79 4.03 24.33
N GLU D 17 31.81 4.01 24.33
CA GLU D 17 31.93 2.69 23.75
CA GLU D 17 31.97 2.69 23.72
C GLU D 17 31.62 2.67 22.25
C GLU D 17 31.63 2.69 22.23
N ILE D 18 30.55 3.35 21.86
CA ILE D 18 30.17 3.47 20.46
C ILE D 18 31.25 4.26 19.75
N ARG D 19 31.78 5.28 20.42
N ARG D 19 31.78 5.27 20.43
CA ARG D 19 32.86 6.07 19.86
CA ARG D 19 32.86 6.07 19.87
C ARG D 19 34.08 5.19 19.58
C ARG D 19 34.08 5.20 19.59
N GLU D 20 34.42 4.33 20.53
CA GLU D 20 35.57 3.44 20.37
C GLU D 20 35.33 2.46 19.22
N GLN D 21 34.12 1.91 19.17
CA GLN D 21 33.76 0.95 18.13
C GLN D 21 33.87 1.58 16.75
N ILE D 22 33.46 2.85 16.64
CA ILE D 22 33.48 3.56 15.38
C ILE D 22 34.90 3.82 14.86
N ILE D 23 35.79 4.30 15.74
CA ILE D 23 37.16 4.59 15.31
C ILE D 23 37.90 3.31 14.89
N HIS D 24 37.63 2.21 15.60
N HIS D 24 37.62 2.20 15.59
CA HIS D 24 38.24 0.92 15.28
CA HIS D 24 38.26 0.93 15.25
C HIS D 24 37.80 0.47 13.89
C HIS D 24 37.80 0.45 13.89
N TRP D 25 36.49 0.55 13.66
CA TRP D 25 35.90 0.19 12.38
C TRP D 25 36.44 1.09 11.27
N ARG D 26 36.53 2.39 11.56
CA ARG D 26 37.06 3.34 10.60
C ARG D 26 38.51 3.00 10.22
N ALA D 27 39.34 2.75 11.23
CA ALA D 27 40.75 2.43 10.98
C ALA D 27 40.90 1.15 10.16
N LYS D 28 39.98 0.21 10.36
CA LYS D 28 40.04 -1.09 9.69
C LYS D 28 39.67 -0.98 8.21
N HIS D 29 38.69 -0.16 7.88
CA HIS D 29 38.14 -0.11 6.53
C HIS D 29 38.61 1.07 5.69
N PHE D 30 39.19 2.07 6.34
CA PHE D 30 39.60 3.28 5.64
C PHE D 30 41.08 3.61 5.79
N PRO D 31 41.84 3.43 4.70
CA PRO D 31 43.27 3.78 4.63
C PRO D 31 43.42 5.30 4.66
N PRO D 32 44.60 5.79 5.08
CA PRO D 32 44.88 7.24 5.17
C PRO D 32 44.57 7.95 3.85
N GLU D 33 44.83 7.28 2.74
CA GLU D 33 44.54 7.78 1.39
C GLU D 33 43.06 8.11 1.16
N ALA D 34 42.17 7.42 1.85
CA ALA D 34 40.72 7.60 1.68
C ALA D 34 40.20 8.98 2.12
N GLY D 35 40.86 9.58 3.11
CA GLY D 35 40.45 10.88 3.62
C GLY D 35 41.06 11.20 4.97
N ARG D 36 40.87 12.43 5.44
CA ARG D 36 41.35 12.83 6.76
C ARG D 36 40.34 12.45 7.84
N PRO D 37 40.76 11.63 8.81
CA PRO D 37 39.84 11.15 9.84
C PRO D 37 39.44 12.27 10.83
N VAL D 38 38.14 12.42 11.09
CA VAL D 38 37.68 13.34 12.12
C VAL D 38 38.26 12.86 13.46
N ALA D 39 38.80 13.78 14.26
CA ALA D 39 39.31 13.41 15.58
C ALA D 39 38.26 12.63 16.37
N ALA D 40 38.70 11.56 17.03
CA ALA D 40 37.78 10.67 17.76
C ALA D 40 36.83 11.43 18.70
N ASP D 41 37.38 12.37 19.46
N ASP D 41 37.40 12.37 19.45
CA ASP D 41 36.56 13.11 20.41
CA ASP D 41 36.66 13.17 20.40
C ASP D 41 35.65 14.14 19.73
C ASP D 41 35.68 14.13 19.73
N ASN D 42 35.88 14.40 18.45
CA ASN D 42 35.05 15.34 17.70
C ASN D 42 33.88 14.69 16.96
N LEU D 43 33.81 13.37 17.00
CA LEU D 43 32.68 12.68 16.38
C LEU D 43 31.39 13.05 17.11
N HIS D 44 30.40 13.50 16.34
CA HIS D 44 29.10 13.91 16.89
C HIS D 44 28.10 14.05 15.76
N LEU D 45 26.83 14.25 16.12
CA LEU D 45 25.77 14.51 15.14
C LEU D 45 25.22 15.92 15.31
N THR D 46 25.44 16.78 14.31
CA THR D 46 25.03 18.17 14.44
C THR D 46 23.51 18.30 14.27
N LEU D 47 22.88 19.05 15.17
CA LEU D 47 21.46 19.36 15.04
C LEU D 47 21.26 20.67 14.30
N ALA D 48 22.04 21.68 14.68
CA ALA D 48 21.90 23.01 14.09
C ALA D 48 23.21 23.77 14.21
N PHE D 49 23.67 24.35 13.10
CA PHE D 49 24.87 25.18 13.13
C PHE D 49 24.47 26.64 13.20
N LEU D 50 25.02 27.37 14.18
CA LEU D 50 24.58 28.74 14.43
C LEU D 50 25.54 29.79 13.89
N GLY D 51 26.79 29.38 13.62
CA GLY D 51 27.79 30.34 13.20
C GLY D 51 28.40 31.13 14.35
N GLU D 52 29.04 32.26 14.05
CA GLU D 52 29.60 33.09 15.10
C GLU D 52 28.57 34.06 15.65
N VAL D 53 28.12 33.81 16.88
CA VAL D 53 27.08 34.62 17.49
C VAL D 53 27.60 35.35 18.73
N SER D 54 27.04 36.53 18.98
CA SER D 54 27.41 37.35 20.12
C SER D 54 26.98 36.66 21.40
N ALA D 55 27.39 37.22 22.54
CA ALA D 55 27.00 36.66 23.83
C ALA D 55 25.49 36.83 24.05
N GLU D 56 24.96 38.01 23.70
CA GLU D 56 23.53 38.26 23.76
C GLU D 56 22.73 37.24 22.93
N LYS D 57 23.20 37.00 21.71
CA LYS D 57 22.56 36.09 20.78
C LYS D 57 22.52 34.68 21.34
N GLU D 58 23.67 34.25 21.85
CA GLU D 58 23.81 32.94 22.41
C GLU D 58 22.83 32.78 23.57
N LYS D 59 22.76 33.79 24.42
CA LYS D 59 21.87 33.77 25.58
C LYS D 59 20.41 33.58 25.17
N ALA D 60 19.97 34.31 24.15
CA ALA D 60 18.61 34.20 23.62
C ALA D 60 18.33 32.82 23.04
N LEU D 61 19.21 32.35 22.17
CA LEU D 61 19.05 31.01 21.59
C LEU D 61 19.03 29.92 22.66
N SER D 62 19.86 30.09 23.69
CA SER D 62 19.93 29.11 24.77
C SER D 62 18.61 29.08 25.53
N LEU D 63 18.02 30.25 25.70
CA LEU D 63 16.74 30.33 26.39
C LEU D 63 15.66 29.60 25.57
N LEU D 64 15.70 29.79 24.26
CA LEU D 64 14.78 29.08 23.36
C LEU D 64 14.98 27.57 23.42
N ALA D 65 16.25 27.14 23.49
CA ALA D 65 16.54 25.72 23.55
C ALA D 65 15.99 25.12 24.83
N GLY D 66 16.01 25.93 25.89
CA GLY D 66 15.55 25.48 27.20
C GLY D 66 14.04 25.36 27.28
N ARG D 67 13.36 25.84 26.23
CA ARG D 67 11.91 25.75 26.18
C ARG D 67 11.46 24.50 25.43
N ILE D 68 12.42 23.83 24.81
CA ILE D 68 12.07 22.64 24.04
C ILE D 68 11.68 21.50 24.98
N ARG D 69 10.49 20.94 24.74
N ARG D 69 10.50 20.93 24.75
CA ARG D 69 9.98 19.81 25.53
CA ARG D 69 10.02 19.81 25.56
C ARG D 69 9.78 18.64 24.60
C ARG D 69 9.77 18.63 24.63
N GLN D 70 10.56 17.58 24.78
CA GLN D 70 10.38 16.37 23.97
C GLN D 70 11.13 15.17 24.52
N PRO D 71 10.53 13.97 24.36
CA PRO D 71 11.06 12.70 24.87
C PRO D 71 12.42 12.38 24.28
N GLY D 72 13.16 11.51 24.97
CA GLY D 72 14.39 10.99 24.43
C GLY D 72 14.03 10.05 23.30
N PHE D 73 15.05 9.58 22.59
CA PHE D 73 14.81 8.62 21.52
C PHE D 73 16.06 7.79 21.36
N THR D 74 15.95 6.70 20.60
CA THR D 74 17.10 5.85 20.37
C THR D 74 17.65 6.07 18.97
N LEU D 75 18.97 6.14 18.87
CA LEU D 75 19.64 6.23 17.58
C LEU D 75 20.32 4.89 17.33
N THR D 76 20.07 4.31 16.16
CA THR D 76 20.76 3.09 15.76
C THR D 76 21.44 3.36 14.43
N LEU D 77 22.76 3.33 14.43
CA LEU D 77 23.55 3.79 13.30
C LEU D 77 23.74 2.59 12.39
N ASP D 78 22.82 2.44 11.44
CA ASP D 78 22.77 1.27 10.58
C ASP D 78 23.23 1.61 9.16
N ASP D 79 23.70 2.85 8.95
CA ASP D 79 23.96 3.30 7.59
C ASP D 79 25.29 4.03 7.51
N ALA D 80 26.00 3.84 6.41
CA ALA D 80 27.24 4.58 6.16
C ALA D 80 27.29 4.87 4.68
N GLY D 81 27.87 6.00 4.30
CA GLY D 81 27.93 6.32 2.89
C GLY D 81 28.89 7.45 2.63
N GLN D 82 28.94 7.90 1.38
CA GLN D 82 29.85 8.95 1.00
C GLN D 82 29.07 10.02 0.24
N TRP D 83 29.31 11.28 0.56
CA TRP D 83 28.81 12.38 -0.25
C TRP D 83 30.01 12.95 -1.00
N LEU D 84 30.18 12.55 -2.26
CA LEU D 84 31.35 12.94 -3.03
C LEU D 84 31.45 14.44 -3.20
N ARG D 85 30.30 15.10 -3.24
CA ARG D 85 30.28 16.54 -3.50
C ARG D 85 30.73 17.35 -2.29
N SER D 86 30.42 16.84 -1.09
CA SER D 86 30.87 17.45 0.15
C SER D 86 32.23 16.85 0.53
N ARG D 87 32.63 15.81 -0.21
CA ARG D 87 33.88 15.09 0.05
C ARG D 87 33.98 14.50 1.45
N VAL D 88 32.90 13.90 1.94
CA VAL D 88 32.90 13.30 3.26
C VAL D 88 32.43 11.87 3.25
N VAL D 89 32.86 11.10 4.24
CA VAL D 89 32.32 9.78 4.47
C VAL D 89 31.61 9.91 5.79
N TRP D 90 30.40 9.35 5.88
CA TRP D 90 29.58 9.58 7.07
C TRP D 90 28.90 8.34 7.58
N LEU D 91 28.40 8.43 8.81
N LEU D 91 28.35 8.47 8.78
CA LEU D 91 27.59 7.39 9.45
CA LEU D 91 27.60 7.43 9.45
C LEU D 91 26.21 8.00 9.69
C LEU D 91 26.22 8.01 9.73
N GLY D 92 25.16 7.20 9.62
CA GLY D 92 23.81 7.71 9.81
C GLY D 92 22.78 6.65 10.11
N MET D 93 21.50 7.04 10.10
N MET D 93 21.51 7.06 10.13
CA MET D 93 20.40 6.12 10.38
CA MET D 93 20.41 6.13 10.30
C MET D 93 19.42 6.18 9.20
C MET D 93 19.55 6.19 9.05
N ARG D 94 19.14 5.01 8.58
CA ARG D 94 18.29 4.95 7.40
C ARG D 94 16.94 5.62 7.63
N GLN D 95 16.40 5.42 8.82
CA GLN D 95 15.10 5.97 9.15
C GLN D 95 15.20 6.61 10.51
N PRO D 96 15.70 7.86 10.57
CA PRO D 96 15.87 8.53 11.86
C PRO D 96 14.55 8.59 12.64
N PRO D 97 14.61 8.52 13.98
CA PRO D 97 13.35 8.68 14.70
C PRO D 97 12.79 10.09 14.53
N ARG D 98 11.47 10.26 14.58
CA ARG D 98 10.87 11.56 14.34
C ARG D 98 11.33 12.61 15.34
N GLY D 99 11.60 12.18 16.58
CA GLY D 99 12.06 13.07 17.63
C GLY D 99 13.38 13.74 17.29
N LEU D 100 14.25 13.03 16.58
CA LEU D 100 15.51 13.61 16.16
C LEU D 100 15.26 14.74 15.15
N ILE D 101 14.38 14.47 14.19
CA ILE D 101 14.01 15.46 13.18
C ILE D 101 13.30 16.67 13.79
N GLN D 102 12.38 16.41 14.72
CA GLN D 102 11.66 17.47 15.42
C GLN D 102 12.63 18.36 16.18
N LEU D 103 13.54 17.74 16.91
CA LEU D 103 14.52 18.47 17.71
C LEU D 103 15.37 19.36 16.81
N ALA D 104 15.94 18.76 15.77
CA ALA D 104 16.75 19.52 14.81
C ALA D 104 15.96 20.66 14.16
N ASN D 105 14.76 20.35 13.66
CA ASN D 105 13.93 21.39 13.03
C ASN D 105 13.66 22.54 13.98
N MET D 106 13.46 22.22 15.26
N MET D 106 13.45 22.22 15.26
CA MET D 106 13.17 23.25 16.25
CA MET D 106 13.17 23.23 16.26
C MET D 106 14.35 24.17 16.47
C MET D 106 14.35 24.17 16.47
N LEU D 107 15.53 23.59 16.68
CA LEU D 107 16.75 24.38 16.91
C LEU D 107 17.08 25.22 15.68
N ARG D 108 16.90 24.65 14.50
N ARG D 108 16.91 24.64 14.49
CA ARG D 108 17.17 25.36 13.25
CA ARG D 108 17.16 25.34 13.24
C ARG D 108 16.17 26.51 13.03
C ARG D 108 16.15 26.46 13.00
N SER D 109 14.90 26.28 13.36
N SER D 109 14.89 26.23 13.34
CA SER D 109 13.89 27.32 13.23
CA SER D 109 13.86 27.27 13.25
C SER D 109 14.21 28.49 14.15
C SER D 109 14.25 28.45 14.14
N GLN D 110 14.57 28.15 15.40
CA GLN D 110 14.97 29.17 16.37
C GLN D 110 16.22 29.94 15.93
N ALA D 111 17.05 29.28 15.13
CA ALA D 111 18.28 29.86 14.61
C ALA D 111 18.05 30.78 13.40
N ALA D 112 17.21 30.36 12.47
CA ALA D 112 16.90 31.19 11.29
C ALA D 112 16.07 32.41 11.67
N ARG D 113 15.27 32.25 12.74
CA ARG D 113 14.46 33.34 13.27
C ARG D 113 15.23 34.06 14.38
N SER D 114 16.48 33.64 14.56
CA SER D 114 17.42 34.37 15.39
C SER D 114 18.09 35.41 14.52
N GLY D 115 17.99 35.23 13.21
CA GLY D 115 18.64 36.10 12.25
C GLY D 115 19.70 35.36 11.46
N CYS D 116 20.27 34.33 12.08
CA CYS D 116 21.34 33.50 11.48
C CYS D 116 21.09 33.17 10.00
N PHE D 117 22.19 33.07 9.25
CA PHE D 117 22.17 32.69 7.83
C PHE D 117 21.59 33.81 6.97
N ARG D 121 19.48 23.78 2.34
CA ARG D 121 19.73 22.37 2.61
C ARG D 121 18.87 21.86 3.77
N PRO D 122 17.86 21.01 3.46
CA PRO D 122 17.05 20.38 4.51
C PRO D 122 17.91 19.48 5.39
N PHE D 123 17.36 19.06 6.54
CA PHE D 123 18.15 18.33 7.53
C PHE D 123 18.54 16.91 7.11
N HIS D 124 19.84 16.63 7.14
CA HIS D 124 20.37 15.32 6.81
C HIS D 124 21.25 14.82 7.95
N PRO D 125 20.61 14.21 8.97
CA PRO D 125 21.36 13.82 10.16
C PRO D 125 22.47 12.86 9.80
N HIS D 126 23.66 13.11 10.32
CA HIS D 126 24.83 12.31 9.97
C HIS D 126 25.98 12.53 10.95
N ILE D 127 26.92 11.58 10.95
CA ILE D 127 28.15 11.70 11.71
C ILE D 127 29.30 11.62 10.73
N THR D 128 29.96 12.75 10.49
CA THR D 128 31.05 12.82 9.52
C THR D 128 32.25 12.06 10.08
N LEU D 129 32.82 11.16 9.28
CA LEU D 129 33.90 10.30 9.73
C LEU D 129 35.23 10.69 9.11
N LEU D 130 35.18 11.04 7.82
CA LEU D 130 36.36 11.43 7.07
C LEU D 130 36.07 12.71 6.29
N ARG D 131 37.05 13.59 6.19
CA ARG D 131 36.93 14.78 5.38
C ARG D 131 37.90 14.65 4.23
N ASP D 132 37.78 15.52 3.24
N ASP D 132 37.77 15.52 3.23
CA ASP D 132 38.63 15.48 2.04
CA ASP D 132 38.61 15.47 2.04
C ASP D 132 38.61 14.09 1.38
C ASP D 132 38.61 14.09 1.39
N ALA D 133 37.44 13.46 1.36
CA ALA D 133 37.27 12.18 0.66
C ALA D 133 36.82 12.49 -0.76
N SER D 134 37.74 13.02 -1.55
CA SER D 134 37.46 13.48 -2.92
C SER D 134 37.25 12.33 -3.88
N GLU D 135 37.74 11.15 -3.49
CA GLU D 135 37.70 9.98 -4.35
C GLU D 135 36.70 8.96 -3.84
N ALA D 136 35.87 8.45 -4.75
CA ALA D 136 34.94 7.39 -4.40
C ALA D 136 35.71 6.22 -3.85
N VAL D 137 35.27 5.72 -2.70
CA VAL D 137 35.90 4.58 -2.03
C VAL D 137 34.82 3.62 -1.56
N THR D 138 35.18 2.35 -1.38
CA THR D 138 34.21 1.34 -0.96
C THR D 138 33.73 1.61 0.47
N ILE D 139 32.41 1.69 0.64
CA ILE D 139 31.82 1.96 1.95
C ILE D 139 31.18 0.69 2.51
N PRO D 140 31.83 0.06 3.51
CA PRO D 140 31.26 -1.11 4.16
C PRO D 140 30.08 -0.71 5.03
N PRO D 141 29.22 -1.67 5.39
CA PRO D 141 28.17 -1.33 6.36
C PRO D 141 28.80 -1.00 7.69
N PRO D 142 28.08 -0.27 8.56
CA PRO D 142 28.72 0.00 9.85
C PRO D 142 28.79 -1.27 10.69
N GLY D 143 29.39 -1.19 11.87
CA GLY D 143 29.48 -2.33 12.73
C GLY D 143 28.13 -2.70 13.32
N PHE D 144 28.07 -3.84 13.98
CA PHE D 144 26.81 -4.33 14.52
C PHE D 144 26.45 -3.61 15.82
N ASN D 145 25.19 -3.21 15.94
CA ASN D 145 24.59 -2.86 17.23
C ASN D 145 25.02 -1.51 17.77
N TRP D 146 25.32 -0.57 16.88
CA TRP D 146 25.69 0.77 17.32
C TRP D 146 24.41 1.53 17.61
N SER D 147 23.82 1.21 18.76
CA SER D 147 22.47 1.67 19.13
C SER D 147 22.53 2.19 20.55
N TYR D 148 21.97 3.38 20.78
CA TYR D 148 21.94 3.91 22.13
C TYR D 148 20.84 4.95 22.34
N ALA D 149 20.51 5.18 23.62
CA ALA D 149 19.50 6.16 23.99
C ALA D 149 20.11 7.54 24.04
N VAL D 150 19.47 8.48 23.35
CA VAL D 150 19.86 9.88 23.40
C VAL D 150 19.09 10.54 24.56
N THR D 151 19.82 11.06 25.55
CA THR D 151 19.20 11.57 26.77
C THR D 151 19.25 13.08 26.88
N GLU D 152 20.01 13.73 25.99
CA GLU D 152 20.40 15.13 26.15
C GLU D 152 20.79 15.66 24.80
N PHE D 153 20.85 16.99 24.67
CA PHE D 153 21.55 17.60 23.54
C PHE D 153 22.40 18.75 24.09
N THR D 154 23.39 19.18 23.33
CA THR D 154 24.41 20.08 23.89
C THR D 154 24.72 21.19 22.91
N LEU D 155 24.90 22.39 23.46
CA LEU D 155 25.40 23.52 22.68
C LEU D 155 26.91 23.54 22.80
N TYR D 156 27.60 23.58 21.67
CA TYR D 156 29.06 23.56 21.65
C TYR D 156 29.63 24.82 21.04
N ALA D 157 30.82 25.20 21.49
CA ALA D 157 31.62 26.23 20.84
C ALA D 157 32.71 25.53 20.06
N SER D 158 32.97 25.99 18.84
CA SER D 158 34.06 25.42 18.08
C SER D 158 35.21 26.42 17.99
N SER D 159 36.41 25.95 18.28
CA SER D 159 37.57 26.84 18.25
C SER D 159 38.80 26.10 17.77
N PHE D 160 39.82 26.84 17.39
CA PHE D 160 41.06 26.24 16.94
C PHE D 160 42.07 26.32 18.06
N ALA D 161 42.66 25.19 18.40
CA ALA D 161 43.66 25.16 19.47
C ALA D 161 44.73 24.12 19.18
N ARG D 162 45.97 24.58 19.10
CA ARG D 162 47.14 23.72 18.94
C ARG D 162 47.08 22.90 17.65
N GLY D 163 46.69 23.55 16.56
CA GLY D 163 46.67 22.92 15.26
C GLY D 163 45.45 22.07 14.99
N ARG D 164 44.47 22.15 15.88
CA ARG D 164 43.32 21.25 15.86
C ARG D 164 42.02 21.99 16.17
N THR D 165 40.94 21.59 15.52
CA THR D 165 39.61 22.10 15.87
C THR D 165 39.13 21.43 17.15
N ARG D 166 38.65 22.22 18.11
CA ARG D 166 38.22 21.69 19.39
C ARG D 166 36.79 22.10 19.70
N TYR D 167 36.03 21.21 20.30
CA TYR D 167 34.64 21.49 20.66
C TYR D 167 34.50 21.61 22.18
N THR D 168 33.99 22.74 22.65
CA THR D 168 33.79 22.94 24.09
C THR D 168 32.31 22.99 24.41
N PRO D 169 31.85 22.11 25.33
CA PRO D 169 30.43 22.14 25.71
C PRO D 169 30.13 23.40 26.51
N LEU D 170 28.99 24.03 26.22
CA LEU D 170 28.63 25.26 26.92
C LEU D 170 27.42 25.03 27.82
N LYS D 171 26.42 24.32 27.29
N LYS D 171 26.42 24.30 27.29
CA LYS D 171 25.18 24.02 28.00
CA LYS D 171 25.18 24.02 28.00
C LYS D 171 24.63 22.69 27.49
C LYS D 171 24.62 22.69 27.49
N ARG D 172 23.92 21.97 28.36
CA ARG D 172 23.23 20.75 27.96
C ARG D 172 21.77 20.81 28.42
N TRP D 173 20.89 20.14 27.69
CA TRP D 173 19.48 20.08 28.06
C TRP D 173 19.00 18.65 27.93
N ALA D 174 18.43 18.12 29.01
CA ALA D 174 17.89 16.77 28.98
C ALA D 174 16.66 16.71 28.07
N LEU D 175 16.51 15.59 27.38
CA LEU D 175 15.25 15.24 26.73
C LEU D 175 14.49 14.36 27.73
N THR D 176 13.16 14.43 27.67
CA THR D 176 12.34 13.82 28.73
C THR D 176 12.21 12.29 28.60
N GLN D 177 11.82 11.65 29.69
CA GLN D 177 11.70 10.19 29.69
C GLN D 177 10.26 9.77 29.94
#